data_3QJ9
#
_entry.id   3QJ9
#
_cell.length_a   91.560
_cell.length_b   104.720
_cell.length_c   148.560
_cell.angle_alpha   90.000
_cell.angle_beta   90.000
_cell.angle_gamma   90.000
#
_symmetry.space_group_name_H-M   'P 21 21 21'
#
loop_
_entity.id
_entity.type
_entity.pdbx_description
1 polymer 'Fatty-acid amide hydrolase 1'
2 non-polymer 1-{(3S)-1-[4-(1-benzofuran-2-yl)pyrimidin-2-yl]piperidin-3-yl}-3-ethyl-1,3-dihydro-2H-benzimidazol-2-one
3 non-polymer 1,2-ETHANEDIOL
4 non-polymer GLYCEROL
5 non-polymer 'TRIETHYLENE GLYCOL'
6 water water
#
_entity_poly.entity_id   1
_entity_poly.type   'polypeptide(L)'
_entity_poly.pdbx_seq_one_letter_code
;MGGSHHHHHHGMASMTGGQQMGRDLYDDDDKDRWGSELETGRQKARGAATRARQKQRASLETMDKAVQRFRLQNPDLDSE
ALLTLPLLQLVQKLQSGELSPEAVFFTYLGKAWEVNKGTNCVTSYLTDCETQLSQAPRQGLLYGVPVSLKECFSYKGHDS
TLGLSLNEGMPSESDCVVVQVLKLQGAVPFVHTNVPQSMLSFDCSNPLFGQTMNPWKSSKSPGGSSGGEGALIGSGGSPL
GLGTDIGGSIRFPSAFCGICGLKPTGNRLSKSGLKGCVYGQTAVQLSLGPMARDVESLALCLKALLCEHLFTLDPTVPPL
PFREEVYRSSRPLRVGYYETDNYTMPSPAMRRALIETKQRLEAAGHTLIPFLPNNIPYALEVLSAGGLFSDGGRSFLQNF
KGDFVDPCLGDLILILRLPSWFKRLLSLLLKPLFPRLAAFLNSMRPRSAEKLWKLQHEIEMYRQSVIAQWKAMNLDVLLT
PMLGPALDLNTPGRATGAISYTVLYNCLDFPAGVVPVTTVTAEDDAQMELYKGYFGDIWDIILKKAMKNSVGLPVAVQCV
ALPWQEELCLRFMREVEQLMTPQKQPS
;
_entity_poly.pdbx_strand_id   A,B
#
# COMPACT_ATOMS: atom_id res chain seq x y z
N GLU A 37 -15.08 -25.74 -23.01
CA GLU A 37 -14.05 -26.77 -22.66
C GLU A 37 -14.64 -28.16 -22.45
N LEU A 38 -13.90 -29.16 -22.93
CA LEU A 38 -14.22 -30.57 -22.77
C LEU A 38 -14.30 -30.96 -21.29
N GLU A 39 -15.31 -31.75 -20.93
CA GLU A 39 -15.46 -32.27 -19.58
C GLU A 39 -14.38 -33.30 -19.26
N THR A 40 -13.58 -33.03 -18.24
CA THR A 40 -12.44 -33.88 -17.89
C THR A 40 -12.72 -34.87 -16.75
N GLY A 41 -13.87 -34.74 -16.11
CA GLY A 41 -14.28 -35.66 -15.06
C GLY A 41 -13.62 -35.39 -13.73
N ARG A 42 -13.61 -36.40 -12.87
CA ARG A 42 -13.19 -36.24 -11.48
C ARG A 42 -12.12 -37.25 -11.05
N GLN A 43 -11.57 -38.00 -11.99
CA GLN A 43 -10.61 -39.04 -11.66
C GLN A 43 -9.34 -38.49 -11.02
N LYS A 44 -8.81 -37.41 -11.57
CA LYS A 44 -7.62 -36.76 -11.04
C LYS A 44 -7.88 -36.22 -9.63
N ALA A 45 -9.04 -35.59 -9.46
CA ALA A 45 -9.48 -35.04 -8.17
C ALA A 45 -9.64 -36.12 -7.11
N ARG A 46 -10.12 -37.30 -7.52
CA ARG A 46 -10.29 -38.43 -6.61
C ARG A 46 -8.95 -38.98 -6.15
N GLY A 47 -7.99 -39.09 -7.08
CA GLY A 47 -6.62 -39.50 -6.75
C GLY A 47 -5.94 -38.53 -5.79
N ALA A 48 -6.18 -37.23 -5.99
CA ALA A 48 -5.66 -36.19 -5.10
C ALA A 48 -6.22 -36.36 -3.69
N ALA A 49 -7.53 -36.62 -3.60
CA ALA A 49 -8.19 -36.80 -2.31
C ALA A 49 -7.65 -38.01 -1.54
N THR A 50 -7.46 -39.14 -2.23
CA THR A 50 -6.97 -40.34 -1.54
C THR A 50 -5.50 -40.16 -1.12
N ARG A 51 -4.71 -39.51 -1.98
CA ARG A 51 -3.33 -39.13 -1.63
C ARG A 51 -3.26 -38.18 -0.42
N ALA A 52 -4.11 -37.14 -0.43
CA ALA A 52 -4.13 -36.13 0.64
C ALA A 52 -4.54 -36.72 1.98
N ARG A 53 -5.55 -37.59 1.97
CA ARG A 53 -6.00 -38.24 3.20
C ARG A 53 -4.98 -39.21 3.77
N GLN A 54 -4.15 -39.80 2.90
CA GLN A 54 -3.06 -40.66 3.36
C GLN A 54 -1.95 -39.85 4.03
N LYS A 55 -1.65 -38.69 3.45
CA LYS A 55 -0.64 -37.78 4.01
C LYS A 55 -1.10 -37.28 5.37
N GLN A 56 -2.40 -37.00 5.49
CA GLN A 56 -3.01 -36.65 6.76
C GLN A 56 -2.90 -37.82 7.77
N ARG A 57 -3.30 -39.01 7.33
CA ARG A 57 -3.26 -40.24 8.13
C ARG A 57 -1.85 -40.52 8.67
N ALA A 58 -0.86 -40.46 7.77
CA ALA A 58 0.54 -40.68 8.12
C ALA A 58 1.08 -39.62 9.07
N SER A 59 0.71 -38.36 8.83
CA SER A 59 1.06 -37.23 9.71
C SER A 59 0.70 -37.50 11.16
N LEU A 60 -0.58 -37.86 11.37
CA LEU A 60 -1.10 -38.13 12.70
C LEU A 60 -0.44 -39.34 13.38
N GLU A 61 -0.14 -40.38 12.58
CA GLU A 61 0.60 -41.54 13.06
C GLU A 61 1.99 -41.16 13.56
N THR A 62 2.70 -40.38 12.74
CA THR A 62 4.04 -39.90 13.07
C THR A 62 4.00 -39.07 14.37
N MET A 63 3.00 -38.19 14.47
CA MET A 63 2.78 -37.38 15.66
C MET A 63 2.63 -38.25 16.90
N ASP A 64 1.66 -39.16 16.86
CA ASP A 64 1.36 -40.09 17.95
C ASP A 64 2.57 -40.93 18.36
N LYS A 65 3.31 -41.44 17.37
CA LYS A 65 4.48 -42.27 17.63
C LYS A 65 5.61 -41.50 18.30
N ALA A 66 5.74 -40.22 17.94
CA ALA A 66 6.75 -39.35 18.54
C ALA A 66 6.46 -39.06 20.01
N VAL A 67 5.20 -38.76 20.34
CA VAL A 67 4.80 -38.44 21.72
C VAL A 67 4.81 -39.67 22.64
N GLN A 68 4.53 -40.85 22.08
CA GLN A 68 4.58 -42.09 22.85
C GLN A 68 6.01 -42.41 23.28
N ARG A 69 6.96 -42.23 22.35
CA ARG A 69 8.38 -42.34 22.69
C ARG A 69 8.75 -41.39 23.83
N PHE A 70 8.28 -40.14 23.72
CA PHE A 70 8.59 -39.11 24.72
C PHE A 70 8.01 -39.41 26.10
N ARG A 71 6.73 -39.79 26.14
CA ARG A 71 6.05 -40.09 27.40
C ARG A 71 6.68 -41.28 28.13
N LEU A 72 7.24 -42.21 27.35
CA LEU A 72 7.88 -43.41 27.89
C LEU A 72 9.22 -43.08 28.55
N GLN A 73 9.78 -41.93 28.20
CA GLN A 73 11.02 -41.45 28.82
C GLN A 73 10.75 -40.37 29.88
N ASN A 74 9.52 -39.87 29.92
CA ASN A 74 9.12 -38.84 30.89
C ASN A 74 7.78 -39.11 31.61
N PRO A 75 7.72 -40.19 32.44
CA PRO A 75 6.48 -40.45 33.19
C PRO A 75 6.22 -39.39 34.26
N ASP A 76 7.27 -38.64 34.61
CA ASP A 76 7.21 -37.62 35.65
C ASP A 76 6.42 -36.37 35.26
N LEU A 77 6.34 -36.10 33.96
CA LEU A 77 5.80 -34.84 33.42
C LEU A 77 4.32 -34.63 33.69
N ASP A 78 3.99 -33.49 34.28
CA ASP A 78 2.61 -33.08 34.49
C ASP A 78 2.07 -32.41 33.22
N SER A 79 1.49 -33.23 32.33
CA SER A 79 0.95 -32.78 31.05
C SER A 79 -0.02 -31.62 31.22
N GLU A 80 -1.10 -31.87 31.95
CA GLU A 80 -2.23 -30.95 32.04
C GLU A 80 -1.91 -29.65 32.78
N ALA A 81 -0.80 -29.63 33.53
CA ALA A 81 -0.34 -28.40 34.15
C ALA A 81 0.33 -27.53 33.10
N LEU A 82 1.22 -28.14 32.32
CA LEU A 82 1.95 -27.46 31.25
C LEU A 82 1.01 -26.90 30.18
N LEU A 83 -0.01 -27.69 29.82
CA LEU A 83 -1.00 -27.29 28.82
C LEU A 83 -1.90 -26.13 29.26
N THR A 84 -2.12 -26.02 30.58
CA THR A 84 -3.00 -24.97 31.12
C THR A 84 -2.27 -23.64 31.34
N LEU A 85 -0.95 -23.64 31.22
CA LEU A 85 -0.14 -22.43 31.33
C LEU A 85 -0.51 -21.41 30.25
N PRO A 86 -0.80 -20.16 30.67
CA PRO A 86 -0.96 -19.09 29.68
C PRO A 86 0.33 -18.93 28.91
N LEU A 87 0.23 -18.61 27.63
CA LEU A 87 1.41 -18.51 26.76
C LEU A 87 2.57 -17.71 27.36
N LEU A 88 2.26 -16.56 27.94
CA LEU A 88 3.32 -15.72 28.54
C LEU A 88 4.13 -16.43 29.62
N GLN A 89 3.46 -17.19 30.47
CA GLN A 89 4.14 -17.98 31.51
C GLN A 89 4.92 -19.12 30.88
N LEU A 90 4.35 -19.72 29.84
CA LEU A 90 4.99 -20.79 29.09
C LEU A 90 6.31 -20.32 28.44
N VAL A 91 6.30 -19.18 27.75
CA VAL A 91 7.52 -18.65 27.15
C VAL A 91 8.56 -18.27 28.22
N GLN A 92 8.08 -17.79 29.35
CA GLN A 92 8.94 -17.33 30.44
C GLN A 92 9.69 -18.52 31.06
N LYS A 93 8.96 -19.61 31.32
CA LYS A 93 9.54 -20.85 31.84
C LYS A 93 10.46 -21.53 30.82
N LEU A 94 10.15 -21.38 29.53
CA LEU A 94 11.02 -21.84 28.46
C LEU A 94 12.34 -21.04 28.47
N GLN A 95 12.22 -19.74 28.70
CA GLN A 95 13.36 -18.83 28.70
C GLN A 95 14.28 -19.07 29.89
N SER A 96 13.69 -19.26 31.07
CA SER A 96 14.44 -19.54 32.30
C SER A 96 15.12 -20.91 32.26
N GLY A 97 14.48 -21.86 31.58
CA GLY A 97 14.98 -23.23 31.56
C GLY A 97 14.18 -24.14 32.47
N GLU A 98 13.17 -23.59 33.14
CA GLU A 98 12.28 -24.35 34.01
C GLU A 98 11.57 -25.49 33.25
N LEU A 99 11.23 -25.21 31.99
CA LEU A 99 10.70 -26.23 31.09
C LEU A 99 11.61 -26.36 29.88
N SER A 100 11.77 -27.59 29.39
CA SER A 100 12.58 -27.83 28.21
C SER A 100 11.72 -27.64 26.96
N PRO A 101 12.33 -27.27 25.82
CA PRO A 101 11.56 -27.16 24.58
C PRO A 101 10.93 -28.48 24.16
N GLU A 102 11.60 -29.59 24.46
CA GLU A 102 11.10 -30.93 24.18
C GLU A 102 9.81 -31.21 24.96
N ALA A 103 9.80 -30.84 26.23
CA ALA A 103 8.65 -31.09 27.09
C ALA A 103 7.38 -30.40 26.59
N VAL A 104 7.49 -29.11 26.25
CA VAL A 104 6.31 -28.36 25.80
C VAL A 104 5.89 -28.74 24.38
N PHE A 105 6.86 -29.12 23.57
CA PHE A 105 6.59 -29.52 22.20
C PHE A 105 5.79 -30.82 22.13
N PHE A 106 6.28 -31.86 22.80
CA PHE A 106 5.64 -33.17 22.73
C PHE A 106 4.32 -33.25 23.49
N THR A 107 4.19 -32.42 24.53
CA THR A 107 2.95 -32.31 25.29
C THR A 107 1.85 -31.68 24.43
N TYR A 108 2.19 -30.59 23.72
CA TYR A 108 1.23 -29.96 22.79
C TYR A 108 0.94 -30.83 21.58
N LEU A 109 1.95 -31.55 21.09
CA LEU A 109 1.79 -32.46 19.96
C LEU A 109 0.78 -33.55 20.31
N GLY A 110 0.88 -34.08 21.53
CA GLY A 110 -0.05 -35.08 22.03
C GLY A 110 -1.45 -34.53 22.21
N LYS A 111 -1.55 -33.28 22.66
CA LYS A 111 -2.85 -32.63 22.83
C LYS A 111 -3.49 -32.32 21.47
N ALA A 112 -2.67 -31.84 20.53
CA ALA A 112 -3.11 -31.55 19.16
C ALA A 112 -3.65 -32.80 18.48
N TRP A 113 -2.96 -33.93 18.68
CA TRP A 113 -3.38 -35.22 18.16
C TRP A 113 -4.73 -35.65 18.75
N GLU A 114 -4.92 -35.40 20.04
CA GLU A 114 -6.13 -35.82 20.75
C GLU A 114 -7.37 -35.00 20.36
N VAL A 115 -7.20 -33.69 20.25
CA VAL A 115 -8.34 -32.81 19.97
C VAL A 115 -8.76 -32.91 18.50
N ASN A 116 -7.81 -33.31 17.65
CA ASN A 116 -8.06 -33.53 16.22
C ASN A 116 -9.06 -34.67 15.97
N LYS A 117 -9.03 -35.69 16.82
CA LYS A 117 -9.94 -36.83 16.73
C LYS A 117 -11.40 -36.41 16.63
N GLY A 118 -11.80 -35.41 17.42
CA GLY A 118 -13.16 -34.89 17.39
C GLY A 118 -13.37 -33.63 16.56
N THR A 119 -12.33 -33.14 15.90
CA THR A 119 -12.46 -31.89 15.12
C THR A 119 -12.02 -31.94 13.66
N ASN A 120 -11.03 -32.77 13.33
CA ASN A 120 -10.48 -32.86 11.97
C ASN A 120 -9.95 -31.49 11.51
N CYS A 121 -9.04 -30.94 12.32
CA CYS A 121 -8.48 -29.61 12.07
C CYS A 121 -7.04 -29.64 11.51
N VAL A 122 -6.33 -30.74 11.76
CA VAL A 122 -4.97 -30.90 11.25
C VAL A 122 -4.97 -31.54 9.85
N THR A 123 -4.30 -30.92 8.89
CA THR A 123 -4.15 -31.52 7.57
C THR A 123 -2.80 -32.25 7.44
N SER A 124 -1.77 -31.67 8.05
CA SER A 124 -0.43 -32.17 7.91
C SER A 124 0.43 -31.89 9.14
N TYR A 125 1.34 -32.81 9.43
CA TYR A 125 2.38 -32.62 10.42
C TYR A 125 3.62 -32.16 9.67
N LEU A 126 4.22 -31.06 10.12
CA LEU A 126 5.41 -30.53 9.47
C LEU A 126 6.60 -31.34 9.99
N THR A 127 6.94 -32.38 9.24
CA THR A 127 7.81 -33.48 9.73
C THR A 127 9.19 -33.04 10.21
N ASP A 128 9.77 -32.05 9.55
CA ASP A 128 11.11 -31.57 9.88
C ASP A 128 11.15 -30.64 11.10
N CYS A 129 10.07 -30.59 11.87
CA CYS A 129 9.96 -29.62 12.96
C CYS A 129 10.78 -29.96 14.22
N GLU A 130 11.23 -31.20 14.33
CA GLU A 130 12.13 -31.61 15.42
C GLU A 130 13.55 -31.11 15.23
N THR A 131 13.93 -30.83 13.98
CA THR A 131 15.24 -30.22 13.74
C THR A 131 15.22 -28.71 14.02
N GLN A 132 14.08 -28.06 13.76
CA GLN A 132 13.87 -26.66 14.18
C GLN A 132 13.85 -26.55 15.72
N LEU A 133 13.32 -27.59 16.37
CA LEU A 133 13.30 -27.67 17.82
C LEU A 133 14.71 -27.53 18.39
N SER A 134 15.66 -28.25 17.80
CA SER A 134 17.04 -28.21 18.27
C SER A 134 17.82 -26.98 17.78
N GLN A 135 17.39 -26.40 16.65
CA GLN A 135 18.05 -25.22 16.08
C GLN A 135 17.51 -23.88 16.63
N ALA A 136 16.41 -23.95 17.39
CA ALA A 136 15.68 -22.76 17.83
C ALA A 136 16.55 -21.77 18.61
N PRO A 137 16.70 -20.54 18.09
CA PRO A 137 17.47 -19.49 18.76
C PRO A 137 16.98 -19.20 20.17
N ARG A 138 17.88 -19.34 21.14
CA ARG A 138 17.55 -19.25 22.57
C ARG A 138 17.18 -17.83 23.00
N GLN A 139 17.64 -16.83 22.25
CA GLN A 139 17.29 -15.43 22.52
C GLN A 139 16.00 -14.99 21.83
N GLY A 140 15.47 -15.86 20.95
CA GLY A 140 14.23 -15.57 20.24
C GLY A 140 13.07 -15.35 21.18
N LEU A 141 12.20 -14.38 20.84
CA LEU A 141 11.08 -13.99 21.70
C LEU A 141 9.99 -15.06 21.78
N LEU A 142 10.05 -16.05 20.90
CA LEU A 142 9.11 -17.17 20.92
C LEU A 142 9.84 -18.50 21.05
N TYR A 143 10.98 -18.48 21.73
CA TYR A 143 11.80 -19.67 21.92
C TYR A 143 11.01 -20.82 22.52
N GLY A 144 10.97 -21.93 21.79
CA GLY A 144 10.33 -23.15 22.26
C GLY A 144 8.81 -23.18 22.17
N VAL A 145 8.23 -22.14 21.58
CA VAL A 145 6.77 -22.06 21.44
C VAL A 145 6.30 -22.83 20.20
N PRO A 146 5.45 -23.85 20.38
CA PRO A 146 4.86 -24.52 19.22
C PRO A 146 3.80 -23.64 18.58
N VAL A 147 3.81 -23.54 17.26
CA VAL A 147 2.89 -22.66 16.54
C VAL A 147 2.17 -23.42 15.43
N SER A 148 0.86 -23.23 15.35
CA SER A 148 0.05 -23.84 14.31
C SER A 148 -0.11 -22.89 13.13
N LEU A 149 -0.04 -23.45 11.92
CA LEU A 149 -0.14 -22.66 10.70
C LEU A 149 -1.36 -23.05 9.87
N LYS A 150 -2.13 -22.04 9.47
CA LYS A 150 -3.13 -22.20 8.43
C LYS A 150 -2.43 -22.74 7.18
N GLU A 151 -3.08 -23.69 6.50
CA GLU A 151 -2.48 -24.41 5.38
C GLU A 151 -1.86 -23.53 4.29
N CYS A 152 -2.38 -22.31 4.12
CA CYS A 152 -1.89 -21.41 3.06
C CYS A 152 -0.50 -20.81 3.32
N PHE A 153 -0.04 -20.86 4.57
CA PHE A 153 1.33 -20.45 4.91
C PHE A 153 2.31 -21.51 4.39
N SER A 154 2.88 -21.24 3.22
CA SER A 154 3.74 -22.22 2.56
CA SER A 154 3.76 -22.19 2.54
C SER A 154 4.92 -22.63 3.43
N TYR A 155 5.18 -23.93 3.44
CA TYR A 155 6.22 -24.52 4.26
C TYR A 155 6.98 -25.51 3.40
N LYS A 156 8.31 -25.39 3.40
CA LYS A 156 9.18 -26.19 2.54
C LYS A 156 8.83 -27.68 2.53
N GLY A 157 8.68 -28.24 1.33
CA GLY A 157 8.41 -29.66 1.14
C GLY A 157 6.96 -30.08 1.37
N HIS A 158 6.09 -29.11 1.67
CA HIS A 158 4.68 -29.38 1.93
C HIS A 158 3.75 -28.68 0.94
N ASP A 159 2.67 -29.37 0.58
CA ASP A 159 1.61 -28.80 -0.25
C ASP A 159 0.91 -27.68 0.51
N SER A 160 0.42 -26.70 -0.25
CA SER A 160 -0.59 -25.78 0.25
C SER A 160 -1.77 -25.89 -0.70
N THR A 161 -2.57 -26.94 -0.47
CA THR A 161 -3.61 -27.37 -1.40
C THR A 161 -4.77 -26.41 -1.51
N LEU A 162 -5.12 -25.77 -0.39
CA LEU A 162 -6.34 -24.97 -0.28
C LEU A 162 -7.60 -25.83 -0.52
N GLY A 163 -7.44 -27.15 -0.37
CA GLY A 163 -8.52 -28.10 -0.65
C GLY A 163 -8.80 -28.26 -2.13
N LEU A 164 -7.87 -27.77 -2.95
CA LEU A 164 -8.03 -27.76 -4.41
C LEU A 164 -7.13 -28.83 -5.01
N SER A 165 -7.75 -29.70 -5.81
CA SER A 165 -7.07 -30.83 -6.43
C SER A 165 -5.81 -30.44 -7.19
N LEU A 166 -5.86 -29.29 -7.88
CA LEU A 166 -4.73 -28.87 -8.71
C LEU A 166 -3.48 -28.42 -7.93
N ASN A 167 -3.63 -28.20 -6.63
CA ASN A 167 -2.50 -27.85 -5.76
C ASN A 167 -1.96 -29.05 -4.98
N GLU A 168 -2.60 -30.21 -5.13
CA GLU A 168 -2.13 -31.44 -4.50
C GLU A 168 -0.88 -31.95 -5.21
N GLY A 169 0.12 -32.38 -4.43
CA GLY A 169 1.39 -32.84 -5.00
C GLY A 169 2.21 -31.73 -5.64
N MET A 170 2.07 -30.50 -5.13
CA MET A 170 2.88 -29.37 -5.57
C MET A 170 3.57 -28.77 -4.34
N PRO A 171 4.60 -29.46 -3.81
CA PRO A 171 5.23 -29.03 -2.57
C PRO A 171 5.94 -27.69 -2.68
N SER A 172 5.84 -26.89 -1.61
CA SER A 172 6.48 -25.59 -1.57
C SER A 172 7.99 -25.77 -1.53
N GLU A 173 8.68 -24.93 -2.29
CA GLU A 173 10.15 -24.95 -2.37
C GLU A 173 10.80 -24.33 -1.14
N SER A 174 10.08 -23.45 -0.45
CA SER A 174 10.62 -22.75 0.72
CA SER A 174 10.62 -22.76 0.72
C SER A 174 9.54 -22.39 1.73
N ASP A 175 9.98 -22.07 2.95
CA ASP A 175 9.11 -21.47 3.97
C ASP A 175 8.79 -20.07 3.49
N CYS A 176 7.55 -19.62 3.74
CA CYS A 176 7.17 -18.24 3.43
C CYS A 176 7.85 -17.31 4.42
N VAL A 177 7.80 -16.00 4.17
CA VAL A 177 8.52 -15.04 5.03
C VAL A 177 8.15 -15.15 6.52
N VAL A 178 6.87 -15.03 6.85
CA VAL A 178 6.45 -15.06 8.26
C VAL A 178 6.86 -16.33 9.00
N VAL A 179 6.94 -17.45 8.29
CA VAL A 179 7.40 -18.71 8.85
C VAL A 179 8.90 -18.67 9.16
N GLN A 180 9.69 -18.12 8.23
CA GLN A 180 11.10 -17.88 8.48
C GLN A 180 11.30 -17.01 9.72
N VAL A 181 10.53 -15.93 9.81
CA VAL A 181 10.61 -15.01 10.96
C VAL A 181 10.23 -15.71 12.27
N LEU A 182 9.16 -16.50 12.24
CA LEU A 182 8.77 -17.31 13.40
C LEU A 182 9.93 -18.19 13.87
N LYS A 183 10.56 -18.89 12.93
CA LYS A 183 11.67 -19.79 13.25
C LYS A 183 12.88 -19.00 13.78
N LEU A 184 13.17 -17.86 13.16
CA LEU A 184 14.25 -16.99 13.61
C LEU A 184 14.00 -16.48 15.03
N GLN A 185 12.74 -16.37 15.42
CA GLN A 185 12.35 -16.00 16.78
C GLN A 185 12.24 -17.19 17.74
N GLY A 186 12.63 -18.37 17.26
CA GLY A 186 12.73 -19.57 18.09
C GLY A 186 11.46 -20.38 18.22
N ALA A 187 10.39 -19.97 17.54
CA ALA A 187 9.15 -20.75 17.51
C ALA A 187 9.32 -22.06 16.74
N VAL A 188 8.46 -23.02 17.05
CA VAL A 188 8.47 -24.32 16.38
C VAL A 188 7.13 -24.56 15.67
N PRO A 189 7.00 -24.14 14.39
CA PRO A 189 5.80 -24.46 13.60
C PRO A 189 5.65 -25.98 13.50
N PHE A 190 4.48 -26.50 13.83
CA PHE A 190 4.32 -27.96 13.93
C PHE A 190 3.22 -28.62 13.09
N VAL A 191 2.18 -27.86 12.76
CA VAL A 191 1.09 -28.38 11.93
C VAL A 191 0.57 -27.37 10.91
N HIS A 192 0.04 -27.90 9.80
CA HIS A 192 -0.82 -27.16 8.89
C HIS A 192 -2.27 -27.47 9.25
N THR A 193 -3.11 -26.45 9.29
CA THR A 193 -4.52 -26.62 9.66
C THR A 193 -5.50 -26.35 8.53
N ASN A 194 -6.67 -27.01 8.61
CA ASN A 194 -7.64 -27.09 7.53
C ASN A 194 -8.33 -25.77 7.15
N VAL A 195 -8.79 -25.72 5.90
CA VAL A 195 -9.50 -24.56 5.35
C VAL A 195 -10.67 -25.03 4.49
N PRO A 196 -11.71 -24.19 4.34
CA PRO A 196 -12.73 -24.51 3.36
C PRO A 196 -12.14 -24.38 1.97
N GLN A 197 -12.68 -25.13 1.03
CA GLN A 197 -12.13 -25.18 -0.33
C GLN A 197 -11.92 -23.79 -0.92
N SER A 198 -10.67 -23.51 -1.32
CA SER A 198 -10.23 -22.24 -1.92
C SER A 198 -10.19 -21.05 -0.96
N MET A 199 -10.62 -21.26 0.28
CA MET A 199 -10.62 -20.23 1.33
C MET A 199 -11.68 -19.13 1.17
N LEU A 200 -12.47 -19.20 0.11
CA LEU A 200 -13.50 -18.19 -0.14
C LEU A 200 -14.85 -18.59 0.51
N SER A 201 -14.79 -18.78 1.84
CA SER A 201 -15.90 -19.28 2.63
C SER A 201 -15.62 -19.05 4.11
N PHE A 202 -16.65 -18.88 4.92
CA PHE A 202 -16.43 -18.89 6.37
C PHE A 202 -16.95 -20.14 7.08
N ASP A 203 -17.03 -21.24 6.32
CA ASP A 203 -17.15 -22.59 6.87
C ASP A 203 -15.76 -23.25 6.81
N CYS A 204 -15.68 -24.58 6.94
CA CYS A 204 -14.35 -25.23 6.91
C CYS A 204 -14.35 -26.69 6.43
N SER A 205 -14.75 -26.88 5.18
CA SER A 205 -14.68 -28.18 4.54
C SER A 205 -14.13 -28.09 3.12
N ASN A 206 -13.30 -29.06 2.75
CA ASN A 206 -12.84 -29.24 1.38
C ASN A 206 -12.87 -30.72 0.99
N PRO A 207 -12.88 -31.02 -0.33
CA PRO A 207 -12.97 -32.43 -0.79
C PRO A 207 -11.72 -33.27 -0.52
N LEU A 208 -10.61 -32.63 -0.15
CA LEU A 208 -9.34 -33.33 0.09
C LEU A 208 -9.21 -33.83 1.53
N PHE A 209 -9.35 -32.94 2.51
CA PHE A 209 -9.17 -33.27 3.92
C PHE A 209 -10.48 -33.34 4.70
N GLY A 210 -11.58 -33.03 4.03
CA GLY A 210 -12.90 -33.16 4.63
C GLY A 210 -13.28 -31.97 5.49
N GLN A 211 -14.18 -32.23 6.43
CA GLN A 211 -14.86 -31.19 7.19
C GLN A 211 -14.28 -31.00 8.59
N THR A 212 -14.04 -29.75 8.95
CA THR A 212 -13.59 -29.41 10.29
C THR A 212 -14.79 -29.05 11.16
N MET A 213 -14.79 -29.55 12.40
CA MET A 213 -15.92 -29.36 13.31
C MET A 213 -15.58 -28.44 14.48
N ASN A 214 -16.56 -27.69 14.95
CA ASN A 214 -16.43 -26.88 16.16
C ASN A 214 -16.20 -27.77 17.38
N PRO A 215 -15.16 -27.48 18.19
CA PRO A 215 -14.87 -28.26 19.41
C PRO A 215 -15.95 -28.15 20.49
N TRP A 216 -16.77 -27.11 20.44
CA TRP A 216 -17.84 -26.89 21.42
C TRP A 216 -19.10 -27.70 21.11
N LYS A 217 -19.34 -27.97 19.84
CA LYS A 217 -20.54 -28.70 19.38
C LYS A 217 -20.30 -29.24 17.97
N SER A 218 -20.25 -30.57 17.86
CA SER A 218 -19.84 -31.23 16.62
C SER A 218 -20.73 -30.91 15.41
N SER A 219 -21.95 -30.47 15.66
CA SER A 219 -22.89 -30.08 14.61
C SER A 219 -22.64 -28.65 14.09
N LYS A 220 -21.78 -27.90 14.78
CA LYS A 220 -21.53 -26.49 14.44
C LYS A 220 -20.24 -26.29 13.65
N SER A 221 -20.24 -25.25 12.83
CA SER A 221 -19.05 -24.80 12.11
C SER A 221 -18.01 -24.22 13.08
N PRO A 222 -16.71 -24.49 12.82
CA PRO A 222 -15.67 -23.79 13.57
C PRO A 222 -15.47 -22.37 13.06
N GLY A 223 -16.15 -22.04 11.96
CA GLY A 223 -15.90 -20.80 11.24
C GLY A 223 -14.80 -21.02 10.22
N GLY A 224 -14.46 -19.96 9.49
CA GLY A 224 -13.42 -20.03 8.47
C GLY A 224 -13.13 -18.65 7.90
N SER A 225 -12.15 -18.56 7.00
CA SER A 225 -11.45 -19.71 6.43
C SER A 225 -10.33 -20.28 7.30
N SER A 226 -9.95 -19.57 8.37
CA SER A 226 -8.95 -20.10 9.31
C SER A 226 -9.60 -21.05 10.33
N GLY A 227 -10.47 -21.93 9.85
CA GLY A 227 -11.28 -22.80 10.71
C GLY A 227 -10.51 -23.82 11.54
N GLY A 228 -9.50 -24.43 10.92
CA GLY A 228 -8.62 -25.38 11.61
C GLY A 228 -7.93 -24.75 12.80
N GLU A 229 -7.36 -23.56 12.61
CA GLU A 229 -6.77 -22.78 13.71
C GLU A 229 -7.77 -22.54 14.85
N GLY A 230 -8.97 -22.11 14.50
CA GLY A 230 -10.04 -21.90 15.49
C GLY A 230 -10.29 -23.15 16.31
N ALA A 231 -10.47 -24.28 15.62
CA ALA A 231 -10.78 -25.55 16.26
C ALA A 231 -9.62 -26.06 17.11
N LEU A 232 -8.40 -25.94 16.58
CA LEU A 232 -7.21 -26.43 17.28
C LEU A 232 -6.91 -25.65 18.55
N ILE A 233 -6.75 -24.33 18.41
CA ILE A 233 -6.46 -23.43 19.53
C ILE A 233 -7.58 -23.42 20.56
N GLY A 234 -8.81 -23.38 20.07
CA GLY A 234 -9.99 -23.32 20.94
C GLY A 234 -10.23 -24.55 21.79
N SER A 235 -9.49 -25.62 21.52
CA SER A 235 -9.62 -26.83 22.31
C SER A 235 -8.33 -27.16 23.08
N GLY A 236 -7.40 -26.21 23.10
CA GLY A 236 -6.16 -26.36 23.87
C GLY A 236 -5.01 -27.01 23.13
N GLY A 237 -5.19 -27.27 21.84
CA GLY A 237 -4.20 -28.00 21.04
C GLY A 237 -3.03 -27.17 20.49
N SER A 238 -3.11 -25.85 20.65
CA SER A 238 -2.08 -24.93 20.17
C SER A 238 -2.16 -23.61 20.94
N PRO A 239 -1.03 -23.09 21.44
CA PRO A 239 -1.04 -21.86 22.21
C PRO A 239 -1.01 -20.60 21.36
N LEU A 240 -0.77 -20.77 20.06
CA LEU A 240 -0.62 -19.65 19.13
C LEU A 240 -0.69 -20.13 17.68
N GLY A 241 -1.44 -19.40 16.86
CA GLY A 241 -1.59 -19.73 15.45
C GLY A 241 -1.56 -18.52 14.53
N LEU A 242 -1.34 -18.79 13.25
CA LEU A 242 -1.39 -17.77 12.21
C LEU A 242 -2.50 -18.08 11.22
N GLY A 243 -3.31 -17.08 10.91
CA GLY A 243 -4.35 -17.21 9.90
C GLY A 243 -4.33 -16.03 8.93
N THR A 244 -5.30 -16.01 8.01
CA THR A 244 -5.48 -14.92 7.05
C THR A 244 -6.92 -14.45 7.03
N ASP A 245 -7.15 -13.27 6.46
CA ASP A 245 -8.44 -12.59 6.57
C ASP A 245 -8.58 -11.55 5.45
N ILE A 246 -9.47 -11.84 4.50
CA ILE A 246 -9.83 -10.90 3.44
C ILE A 246 -11.33 -10.49 3.53
N GLY A 247 -12.11 -11.25 4.29
CA GLY A 247 -13.53 -10.98 4.49
C GLY A 247 -14.04 -11.32 5.88
N GLY A 248 -13.13 -11.79 6.75
CA GLY A 248 -13.47 -12.17 8.12
C GLY A 248 -12.79 -13.43 8.61
N SER A 249 -11.89 -13.99 7.80
CA SER A 249 -11.38 -15.35 8.01
C SER A 249 -10.48 -15.57 9.23
N ILE A 250 -10.07 -14.49 9.90
CA ILE A 250 -9.42 -14.62 11.21
C ILE A 250 -10.49 -14.50 12.30
N ARG A 251 -11.40 -13.55 12.09
CA ARG A 251 -12.37 -13.17 13.10
C ARG A 251 -13.50 -14.19 13.26
N PHE A 252 -14.05 -14.69 12.15
CA PHE A 252 -15.11 -15.72 12.22
C PHE A 252 -14.70 -16.94 13.06
N PRO A 253 -13.58 -17.62 12.71
CA PRO A 253 -13.28 -18.83 13.47
C PRO A 253 -12.89 -18.56 14.93
N SER A 254 -12.27 -17.40 15.19
CA SER A 254 -11.94 -16.97 16.55
C SER A 254 -13.21 -16.82 17.41
N ALA A 255 -14.20 -16.10 16.87
CA ALA A 255 -15.48 -15.88 17.55
C ALA A 255 -16.28 -17.17 17.75
N PHE A 256 -16.35 -17.99 16.70
CA PHE A 256 -17.10 -19.25 16.75
C PHE A 256 -16.51 -20.24 17.75
N CYS A 257 -15.19 -20.20 17.92
CA CYS A 257 -14.47 -21.19 18.74
C CYS A 257 -13.99 -20.64 20.10
N GLY A 258 -14.31 -19.39 20.38
CA GLY A 258 -14.05 -18.79 21.70
C GLY A 258 -12.61 -18.45 22.02
N ILE A 259 -11.87 -18.03 21.00
CA ILE A 259 -10.50 -17.55 21.17
C ILE A 259 -10.39 -16.13 20.62
N CYS A 260 -9.23 -15.49 20.78
CA CYS A 260 -8.98 -14.13 20.29
CA CYS A 260 -9.04 -14.16 20.25
C CYS A 260 -8.17 -14.17 19.01
N GLY A 261 -8.43 -13.19 18.13
CA GLY A 261 -7.71 -13.05 16.87
C GLY A 261 -7.58 -11.60 16.49
N LEU A 262 -6.52 -11.28 15.74
CA LEU A 262 -6.33 -9.92 15.25
C LEU A 262 -6.10 -9.91 13.74
N LYS A 263 -6.88 -9.08 13.05
CA LYS A 263 -6.65 -8.79 11.64
C LYS A 263 -6.01 -7.41 11.53
N PRO A 264 -4.68 -7.38 11.32
CA PRO A 264 -3.98 -6.11 11.14
C PRO A 264 -4.33 -5.41 9.82
N THR A 265 -3.90 -4.16 9.70
CA THR A 265 -3.84 -3.48 8.40
C THR A 265 -3.18 -4.45 7.42
N GLY A 266 -3.66 -4.47 6.18
CA GLY A 266 -3.21 -5.44 5.18
C GLY A 266 -1.70 -5.61 5.07
N ASN A 267 -0.98 -4.50 5.03
CA ASN A 267 0.46 -4.52 4.82
C ASN A 267 1.30 -4.25 6.08
N ARG A 268 0.74 -4.53 7.25
CA ARG A 268 1.52 -4.46 8.49
C ARG A 268 2.47 -5.66 8.59
N LEU A 269 2.06 -6.77 7.98
CA LEU A 269 2.85 -8.01 7.96
C LEU A 269 3.02 -8.48 6.53
N SER A 270 3.98 -9.38 6.30
CA SER A 270 4.35 -9.82 4.96
C SER A 270 3.46 -10.92 4.39
N LYS A 271 3.00 -10.72 3.16
CA LYS A 271 2.19 -11.69 2.41
C LYS A 271 3.04 -12.58 1.52
N SER A 272 4.34 -12.31 1.48
CA SER A 272 5.26 -13.05 0.62
C SER A 272 5.27 -14.55 0.97
N GLY A 273 5.01 -15.38 -0.05
CA GLY A 273 4.97 -16.82 0.11
C GLY A 273 3.64 -17.39 0.57
N LEU A 274 2.61 -16.55 0.62
CA LEU A 274 1.28 -17.03 0.98
C LEU A 274 0.57 -17.61 -0.24
N LYS A 275 0.12 -18.84 -0.10
CA LYS A 275 -0.62 -19.51 -1.15
C LYS A 275 -2.05 -18.95 -1.21
N GLY A 276 -2.45 -18.55 -2.41
CA GLY A 276 -3.79 -18.03 -2.66
C GLY A 276 -4.32 -18.60 -3.96
N CYS A 277 -5.62 -18.45 -4.19
CA CYS A 277 -6.24 -18.95 -5.41
C CYS A 277 -6.32 -17.88 -6.50
N VAL A 278 -6.25 -16.61 -6.10
CA VAL A 278 -6.28 -15.48 -7.02
C VAL A 278 -5.18 -14.47 -6.67
N TYR A 279 -4.39 -14.09 -7.67
CA TYR A 279 -3.33 -13.09 -7.47
C TYR A 279 -3.57 -11.84 -8.31
N GLY A 280 -3.23 -10.68 -7.75
CA GLY A 280 -3.34 -9.41 -8.47
C GLY A 280 -4.52 -8.55 -8.07
N GLN A 281 -5.44 -9.12 -7.30
CA GLN A 281 -6.58 -8.39 -6.74
C GLN A 281 -6.09 -7.54 -5.57
N THR A 282 -6.17 -6.22 -5.71
CA THR A 282 -5.64 -5.29 -4.70
C THR A 282 -6.67 -4.27 -4.18
N ALA A 283 -7.90 -4.32 -4.69
CA ALA A 283 -8.99 -3.46 -4.19
C ALA A 283 -9.31 -3.75 -2.72
N VAL A 284 -9.60 -5.02 -2.40
CA VAL A 284 -9.83 -5.44 -1.02
C VAL A 284 -8.60 -6.21 -0.57
N GLN A 285 -7.84 -5.61 0.35
CA GLN A 285 -6.54 -6.13 0.78
C GLN A 285 -6.67 -7.40 1.61
N LEU A 286 -5.73 -8.31 1.41
CA LEU A 286 -5.58 -9.48 2.26
C LEU A 286 -4.72 -9.15 3.47
N SER A 287 -5.09 -9.70 4.63
CA SER A 287 -4.33 -9.51 5.87
CA SER A 287 -4.32 -9.51 5.85
C SER A 287 -3.98 -10.86 6.50
N LEU A 288 -2.93 -10.87 7.31
CA LEU A 288 -2.57 -12.04 8.10
C LEU A 288 -2.32 -11.60 9.53
N GLY A 289 -2.58 -12.49 10.49
CA GLY A 289 -2.42 -12.13 11.89
C GLY A 289 -2.57 -13.28 12.86
N PRO A 290 -2.35 -13.00 14.16
CA PRO A 290 -2.30 -14.07 15.13
C PRO A 290 -3.67 -14.48 15.64
N MET A 291 -3.75 -15.73 16.11
CA MET A 291 -4.90 -16.26 16.82
C MET A 291 -4.36 -16.97 18.05
N ALA A 292 -5.01 -16.77 19.19
CA ALA A 292 -4.52 -17.34 20.46
C ALA A 292 -5.61 -17.37 21.54
N ARG A 293 -5.24 -17.78 22.75
CA ARG A 293 -6.20 -17.91 23.86
C ARG A 293 -6.41 -16.62 24.65
N ASP A 294 -5.52 -15.65 24.48
CA ASP A 294 -5.64 -14.36 25.19
C ASP A 294 -5.01 -13.25 24.35
N VAL A 295 -5.42 -11.99 24.58
CA VAL A 295 -4.89 -10.88 23.76
C VAL A 295 -3.40 -10.62 23.96
N GLU A 296 -2.89 -10.92 25.16
CA GLU A 296 -1.46 -10.77 25.47
C GLU A 296 -0.59 -11.62 24.53
N SER A 297 -1.08 -12.83 24.21
CA SER A 297 -0.46 -13.72 23.23
C SER A 297 -0.39 -13.12 21.82
N LEU A 298 -1.48 -12.46 21.41
CA LEU A 298 -1.54 -11.76 20.12
C LEU A 298 -0.49 -10.66 20.03
N ALA A 299 -0.37 -9.88 21.10
CA ALA A 299 0.60 -8.79 21.18
C ALA A 299 2.06 -9.27 21.14
N LEU A 300 2.32 -10.41 21.78
CA LEU A 300 3.67 -11.02 21.77
C LEU A 300 4.03 -11.45 20.35
N CYS A 301 3.10 -12.13 19.70
CA CYS A 301 3.31 -12.61 18.33
C CYS A 301 3.58 -11.45 17.38
N LEU A 302 2.78 -10.40 17.46
CA LEU A 302 2.96 -9.21 16.62
C LEU A 302 4.33 -8.56 16.87
N LYS A 303 4.68 -8.38 18.13
CA LYS A 303 5.98 -7.85 18.52
C LYS A 303 7.13 -8.69 17.96
N ALA A 304 7.00 -10.02 18.05
CA ALA A 304 8.03 -10.93 17.55
C ALA A 304 8.15 -10.90 16.02
N LEU A 305 7.01 -10.75 15.35
CA LEU A 305 6.97 -10.64 13.90
C LEU A 305 7.56 -9.32 13.40
N LEU A 306 7.23 -8.24 14.08
CA LEU A 306 7.67 -6.89 13.70
C LEU A 306 9.13 -6.64 14.08
N CYS A 307 10.04 -7.32 13.38
CA CYS A 307 11.46 -7.21 13.66
C CYS A 307 12.27 -7.02 12.39
N GLU A 308 13.58 -6.81 12.56
CA GLU A 308 14.48 -6.62 11.42
C GLU A 308 14.41 -7.77 10.42
N HIS A 309 14.26 -9.00 10.92
CA HIS A 309 14.14 -10.16 10.04
C HIS A 309 13.02 -9.97 9.02
N LEU A 310 11.84 -9.55 9.50
CA LEU A 310 10.70 -9.37 8.59
C LEU A 310 10.91 -8.21 7.61
N PHE A 311 11.39 -7.08 8.12
CA PHE A 311 11.58 -5.90 7.28
C PHE A 311 12.69 -6.08 6.24
N THR A 312 13.65 -6.97 6.53
CA THR A 312 14.72 -7.33 5.58
C THR A 312 14.23 -8.32 4.52
N LEU A 313 13.61 -9.40 4.97
CA LEU A 313 13.12 -10.44 4.05
C LEU A 313 12.01 -9.94 3.11
N ASP A 314 11.23 -8.96 3.56
CA ASP A 314 10.23 -8.32 2.71
C ASP A 314 10.26 -6.80 2.85
N PRO A 315 11.11 -6.14 2.04
CA PRO A 315 11.24 -4.68 2.05
C PRO A 315 9.96 -3.90 1.71
N THR A 316 8.96 -4.58 1.15
CA THR A 316 7.68 -3.91 0.81
C THR A 316 6.82 -3.62 2.05
N VAL A 317 7.11 -4.30 3.15
CA VAL A 317 6.43 -4.06 4.43
C VAL A 317 7.06 -2.86 5.13
N PRO A 318 6.25 -1.82 5.44
CA PRO A 318 6.80 -0.66 6.15
C PRO A 318 7.39 -1.07 7.50
N PRO A 319 8.65 -0.67 7.78
CA PRO A 319 9.36 -1.08 8.99
C PRO A 319 8.85 -0.38 10.24
N LEU A 320 7.63 -0.73 10.65
CA LEU A 320 6.95 -0.13 11.79
C LEU A 320 7.09 -1.02 13.02
N PRO A 321 7.96 -0.62 13.97
CA PRO A 321 8.14 -1.47 15.15
C PRO A 321 6.89 -1.48 16.04
N PHE A 322 6.71 -2.55 16.81
CA PHE A 322 5.63 -2.65 17.78
C PHE A 322 5.79 -1.58 18.85
N ARG A 323 4.78 -0.73 18.98
CA ARG A 323 4.85 0.39 19.91
C ARG A 323 4.31 0.01 21.29
N GLU A 324 5.23 -0.39 22.16
CA GLU A 324 4.90 -0.91 23.50
C GLU A 324 4.06 0.06 24.32
N GLU A 325 4.46 1.33 24.32
CA GLU A 325 3.79 2.36 25.13
C GLU A 325 2.32 2.56 24.77
N VAL A 326 2.00 2.47 23.47
CA VAL A 326 0.61 2.56 22.99
C VAL A 326 -0.20 1.36 23.50
N TYR A 327 0.35 0.15 23.36
CA TYR A 327 -0.31 -1.07 23.82
C TYR A 327 -0.55 -1.10 25.33
N ARG A 328 0.40 -0.55 26.10
CA ARG A 328 0.38 -0.61 27.56
C ARG A 328 -0.40 0.52 28.23
N SER A 329 -0.79 1.52 27.44
CA SER A 329 -1.51 2.70 27.93
C SER A 329 -2.78 2.38 28.71
N SER A 330 -3.04 3.15 29.75
CA SER A 330 -4.22 2.96 30.58
C SER A 330 -5.14 4.19 30.58
N ARG A 331 -4.87 5.12 29.66
CA ARG A 331 -5.70 6.32 29.52
C ARG A 331 -7.13 5.97 29.08
N PRO A 332 -8.13 6.73 29.57
CA PRO A 332 -9.51 6.49 29.15
C PRO A 332 -9.66 6.66 27.64
N LEU A 333 -10.57 5.88 27.05
CA LEU A 333 -10.74 5.87 25.61
C LEU A 333 -12.07 6.49 25.20
N ARG A 334 -12.09 7.09 24.03
CA ARG A 334 -13.35 7.47 23.41
C ARG A 334 -13.75 6.34 22.46
N VAL A 335 -14.74 5.57 22.90
CA VAL A 335 -15.16 4.37 22.21
C VAL A 335 -16.47 4.58 21.46
N GLY A 336 -16.41 4.55 20.14
CA GLY A 336 -17.62 4.49 19.31
C GLY A 336 -18.22 3.09 19.39
N TYR A 337 -19.54 2.99 19.22
CA TYR A 337 -20.19 1.67 19.26
C TYR A 337 -21.50 1.62 18.46
N TYR A 338 -21.86 0.42 18.02
CA TYR A 338 -23.20 0.14 17.51
C TYR A 338 -23.67 -1.25 17.91
N GLU A 339 -24.99 -1.39 18.10
CA GLU A 339 -25.61 -2.66 18.51
C GLU A 339 -25.96 -3.49 17.29
N THR A 340 -26.01 -2.84 16.14
CA THR A 340 -26.41 -3.45 14.87
C THR A 340 -25.87 -2.62 13.72
N ASP A 341 -25.60 -3.27 12.59
CA ASP A 341 -25.17 -2.55 11.38
C ASP A 341 -26.33 -2.24 10.44
N ASN A 342 -27.56 -2.55 10.89
CA ASN A 342 -28.77 -2.36 10.08
C ASN A 342 -28.81 -3.18 8.79
N TYR A 343 -27.93 -4.16 8.70
CA TYR A 343 -27.81 -5.02 7.53
C TYR A 343 -28.03 -6.46 7.93
N THR A 344 -27.25 -6.93 8.89
CA THR A 344 -27.44 -8.25 9.49
C THR A 344 -27.99 -8.06 10.91
N MET A 345 -29.24 -8.46 11.13
CA MET A 345 -29.81 -8.42 12.46
C MET A 345 -28.96 -9.29 13.39
N PRO A 346 -28.50 -8.71 14.51
CA PRO A 346 -27.71 -9.50 15.45
C PRO A 346 -28.58 -10.55 16.13
N SER A 347 -27.98 -11.69 16.47
CA SER A 347 -28.63 -12.64 17.35
C SER A 347 -28.87 -11.95 18.71
N PRO A 348 -29.84 -12.46 19.51
CA PRO A 348 -30.01 -11.94 20.86
C PRO A 348 -28.73 -12.01 21.69
N ALA A 349 -27.94 -13.07 21.51
CA ALA A 349 -26.67 -13.21 22.20
C ALA A 349 -25.64 -12.16 21.74
N MET A 350 -25.63 -11.85 20.45
CA MET A 350 -24.73 -10.82 19.89
C MET A 350 -25.02 -9.47 20.49
N ARG A 351 -26.29 -9.08 20.46
CA ARG A 351 -26.78 -7.80 20.95
C ARG A 351 -26.45 -7.61 22.44
N ARG A 352 -26.77 -8.62 23.24
CA ARG A 352 -26.49 -8.60 24.68
C ARG A 352 -24.97 -8.50 24.94
N ALA A 353 -24.18 -9.28 24.21
CA ALA A 353 -22.72 -9.23 24.29
C ALA A 353 -22.22 -7.81 24.10
N LEU A 354 -22.72 -7.13 23.08
CA LEU A 354 -22.31 -5.78 22.75
C LEU A 354 -22.69 -4.77 23.84
N ILE A 355 -23.94 -4.82 24.28
CA ILE A 355 -24.44 -3.90 25.31
C ILE A 355 -23.70 -4.10 26.65
N GLU A 356 -23.50 -5.36 27.05
CA GLU A 356 -22.79 -5.65 28.30
C GLU A 356 -21.38 -5.04 28.31
N THR A 357 -20.60 -5.30 27.26
CA THR A 357 -19.25 -4.71 27.21
C THR A 357 -19.27 -3.18 27.08
N LYS A 358 -20.24 -2.64 26.36
CA LYS A 358 -20.47 -1.19 26.33
C LYS A 358 -20.65 -0.66 27.77
N GLN A 359 -21.50 -1.33 28.54
CA GLN A 359 -21.79 -0.91 29.92
C GLN A 359 -20.60 -1.06 30.88
N ARG A 360 -19.83 -2.13 30.72
CA ARG A 360 -18.64 -2.33 31.58
C ARG A 360 -17.50 -1.39 31.21
N LEU A 361 -17.42 -1.01 29.93
CA LEU A 361 -16.41 -0.02 29.51
C LEU A 361 -16.76 1.35 30.07
N GLU A 362 -18.05 1.68 30.12
CA GLU A 362 -18.53 2.91 30.76
C GLU A 362 -18.27 2.92 32.26
N ALA A 363 -18.50 1.77 32.91
CA ALA A 363 -18.26 1.63 34.35
C ALA A 363 -16.78 1.76 34.71
N ALA A 364 -15.92 1.41 33.75
CA ALA A 364 -14.47 1.51 33.92
C ALA A 364 -13.94 2.91 33.55
N GLY A 365 -14.83 3.81 33.17
CA GLY A 365 -14.48 5.23 33.01
C GLY A 365 -14.24 5.71 31.59
N HIS A 366 -14.56 4.88 30.60
CA HIS A 366 -14.44 5.29 29.19
C HIS A 366 -15.73 5.95 28.73
N THR A 367 -15.64 6.82 27.72
CA THR A 367 -16.85 7.39 27.17
C THR A 367 -17.30 6.67 25.90
N LEU A 368 -18.55 6.21 25.92
CA LEU A 368 -19.12 5.44 24.83
C LEU A 368 -20.00 6.34 23.97
N ILE A 369 -19.73 6.34 22.67
CA ILE A 369 -20.36 7.24 21.71
C ILE A 369 -21.06 6.43 20.61
N PRO A 370 -22.39 6.61 20.45
CA PRO A 370 -23.09 5.95 19.35
C PRO A 370 -22.48 6.33 18.00
N PHE A 371 -22.11 5.32 17.22
CA PHE A 371 -21.38 5.52 15.97
C PHE A 371 -21.63 4.36 15.02
N LEU A 372 -22.05 4.68 13.81
CA LEU A 372 -22.18 3.69 12.75
C LEU A 372 -21.58 4.25 11.46
N PRO A 373 -20.54 3.58 10.93
CA PRO A 373 -19.97 3.98 9.64
C PRO A 373 -21.07 4.16 8.61
N ASN A 374 -21.01 5.25 7.86
CA ASN A 374 -22.01 5.54 6.84
C ASN A 374 -21.92 4.57 5.67
N ASN A 375 -23.03 4.44 4.95
CA ASN A 375 -23.10 3.66 3.69
C ASN A 375 -22.50 2.26 3.70
N ILE A 376 -22.82 1.51 4.74
CA ILE A 376 -22.42 0.11 4.86
C ILE A 376 -22.95 -0.79 3.72
N PRO A 377 -24.24 -0.66 3.32
CA PRO A 377 -24.71 -1.49 2.20
C PRO A 377 -23.89 -1.32 0.92
N TYR A 378 -23.54 -0.08 0.61
CA TYR A 378 -22.61 0.24 -0.47
C TYR A 378 -21.23 -0.42 -0.28
N ALA A 379 -20.68 -0.29 0.91
CA ALA A 379 -19.38 -0.88 1.23
C ALA A 379 -19.35 -2.40 1.00
N LEU A 380 -20.44 -3.07 1.36
CA LEU A 380 -20.56 -4.52 1.20
C LEU A 380 -20.95 -4.92 -0.21
N GLU A 381 -22.05 -4.37 -0.70
CA GLU A 381 -22.70 -4.83 -1.94
C GLU A 381 -21.97 -4.43 -3.20
N VAL A 382 -21.39 -3.23 -3.24
CA VAL A 382 -20.65 -2.80 -4.43
C VAL A 382 -19.13 -2.72 -4.26
N LEU A 383 -18.66 -2.24 -3.12
CA LEU A 383 -17.22 -2.11 -2.91
C LEU A 383 -16.53 -3.45 -2.62
N SER A 384 -17.02 -4.17 -1.62
CA SER A 384 -16.40 -5.45 -1.22
C SER A 384 -16.65 -6.54 -2.24
N ALA A 385 -17.92 -6.81 -2.54
CA ALA A 385 -18.29 -7.81 -3.54
C ALA A 385 -17.69 -7.49 -4.91
N GLY A 386 -17.81 -6.24 -5.35
CA GLY A 386 -17.22 -5.78 -6.61
C GLY A 386 -15.71 -5.89 -6.64
N GLY A 387 -15.06 -5.57 -5.52
CA GLY A 387 -13.60 -5.68 -5.41
C GLY A 387 -13.09 -7.10 -5.43
N LEU A 388 -13.82 -8.00 -4.79
CA LEU A 388 -13.44 -9.41 -4.71
C LEU A 388 -13.72 -10.16 -6.01
N PHE A 389 -14.68 -9.69 -6.80
CA PHE A 389 -15.08 -10.38 -8.02
C PHE A 389 -15.11 -9.47 -9.24
N SER A 390 -14.15 -8.56 -9.34
CA SER A 390 -14.08 -7.58 -10.44
C SER A 390 -14.07 -8.24 -11.81
N ASP A 391 -13.46 -9.43 -11.88
CA ASP A 391 -13.33 -10.18 -13.11
C ASP A 391 -14.48 -11.16 -13.32
N GLY A 392 -15.54 -11.00 -12.53
CA GLY A 392 -16.71 -11.88 -12.58
C GLY A 392 -16.47 -13.28 -12.01
N GLY A 393 -15.36 -13.44 -11.30
CA GLY A 393 -15.02 -14.73 -10.70
C GLY A 393 -14.27 -15.65 -11.65
N ARG A 394 -13.86 -15.12 -12.79
CA ARG A 394 -13.20 -15.92 -13.83
C ARG A 394 -11.92 -16.59 -13.33
N SER A 395 -10.99 -15.78 -12.82
CA SER A 395 -9.73 -16.28 -12.25
C SER A 395 -9.99 -17.30 -11.16
N PHE A 396 -11.01 -17.06 -10.35
CA PHE A 396 -11.39 -17.95 -9.27
C PHE A 396 -11.85 -19.32 -9.78
N LEU A 397 -12.61 -19.30 -10.88
CA LEU A 397 -13.21 -20.52 -11.44
C LEU A 397 -12.22 -21.47 -12.11
N GLN A 398 -11.08 -20.92 -12.55
CA GLN A 398 -9.99 -21.73 -13.12
C GLN A 398 -9.52 -22.82 -12.16
N ASN A 399 -9.52 -22.50 -10.87
CA ASN A 399 -9.10 -23.43 -9.81
C ASN A 399 -10.03 -24.63 -9.65
N PHE A 400 -11.24 -24.55 -10.20
CA PHE A 400 -12.26 -25.58 -9.99
C PHE A 400 -12.48 -26.51 -11.19
N LYS A 401 -11.76 -26.27 -12.28
CA LYS A 401 -11.89 -27.10 -13.47
C LYS A 401 -11.40 -28.54 -13.21
N GLY A 402 -12.32 -29.50 -13.37
CA GLY A 402 -12.04 -30.90 -13.05
C GLY A 402 -12.18 -31.28 -11.57
N ASP A 403 -12.57 -30.31 -10.74
CA ASP A 403 -12.60 -30.54 -9.29
C ASP A 403 -14.03 -30.63 -8.76
N PHE A 404 -14.18 -31.32 -7.63
CA PHE A 404 -15.42 -31.29 -6.88
C PHE A 404 -15.64 -29.90 -6.29
N VAL A 405 -16.89 -29.51 -6.14
CA VAL A 405 -17.24 -28.29 -5.42
C VAL A 405 -17.80 -28.71 -4.07
N ASP A 406 -17.10 -28.34 -3.00
CA ASP A 406 -17.53 -28.69 -1.65
C ASP A 406 -18.88 -28.05 -1.33
N PRO A 407 -19.81 -28.82 -0.72
CA PRO A 407 -21.13 -28.30 -0.35
C PRO A 407 -21.11 -27.02 0.51
N CYS A 408 -20.05 -26.84 1.32
CA CYS A 408 -19.96 -25.67 2.21
C CYS A 408 -19.82 -24.35 1.46
N LEU A 409 -19.47 -24.43 0.18
CA LEU A 409 -19.41 -23.26 -0.70
C LEU A 409 -20.80 -22.79 -1.16
N GLY A 410 -21.82 -23.63 -0.96
CA GLY A 410 -23.17 -23.35 -1.41
C GLY A 410 -23.27 -23.16 -2.92
N ASP A 411 -23.93 -22.08 -3.34
CA ASP A 411 -24.17 -21.81 -4.76
C ASP A 411 -23.15 -20.85 -5.38
N LEU A 412 -22.03 -20.61 -4.71
CA LEU A 412 -21.03 -19.63 -5.17
C LEU A 412 -20.48 -19.93 -6.57
N ILE A 413 -20.07 -21.17 -6.80
CA ILE A 413 -19.48 -21.59 -8.07
C ILE A 413 -20.53 -21.57 -9.19
N LEU A 414 -21.70 -22.11 -8.89
CA LEU A 414 -22.84 -22.10 -9.81
C LEU A 414 -23.20 -20.68 -10.25
N ILE A 415 -23.17 -19.74 -9.31
CA ILE A 415 -23.53 -18.35 -9.60
C ILE A 415 -22.46 -17.64 -10.45
N LEU A 416 -21.19 -17.84 -10.08
CA LEU A 416 -20.08 -17.20 -10.78
C LEU A 416 -19.92 -17.71 -12.23
N ARG A 417 -20.33 -18.96 -12.47
CA ARG A 417 -20.27 -19.57 -13.80
C ARG A 417 -21.33 -19.03 -14.76
N LEU A 418 -22.36 -18.38 -14.24
CA LEU A 418 -23.40 -17.79 -15.07
C LEU A 418 -22.83 -16.68 -15.95
N PRO A 419 -23.26 -16.63 -17.24
CA PRO A 419 -22.86 -15.53 -18.14
C PRO A 419 -23.30 -14.18 -17.63
N SER A 420 -22.52 -13.15 -17.94
CA SER A 420 -22.76 -11.79 -17.44
C SER A 420 -24.15 -11.25 -17.75
N TRP A 421 -24.62 -11.43 -18.98
CA TRP A 421 -25.97 -10.99 -19.36
C TRP A 421 -27.05 -11.63 -18.48
N PHE A 422 -26.83 -12.88 -18.07
CA PHE A 422 -27.82 -13.60 -17.26
C PHE A 422 -27.82 -13.16 -15.79
N LYS A 423 -26.63 -12.91 -15.22
CA LYS A 423 -26.51 -12.31 -13.90
C LYS A 423 -27.22 -10.96 -13.87
N ARG A 424 -27.05 -10.18 -14.94
CA ARG A 424 -27.70 -8.88 -15.08
C ARG A 424 -29.23 -9.00 -15.05
N LEU A 425 -29.76 -9.88 -15.91
CA LEU A 425 -31.20 -10.11 -15.98
C LEU A 425 -31.78 -10.51 -14.63
N LEU A 426 -31.21 -11.55 -14.02
CA LEU A 426 -31.63 -12.02 -12.69
C LEU A 426 -31.60 -10.90 -11.66
N SER A 427 -30.55 -10.07 -11.71
CA SER A 427 -30.38 -8.95 -10.79
C SER A 427 -31.55 -7.99 -10.91
N LEU A 428 -31.91 -7.63 -12.15
CA LEU A 428 -33.02 -6.72 -12.43
C LEU A 428 -34.36 -7.28 -11.96
N LEU A 429 -34.54 -8.60 -12.13
CA LEU A 429 -35.73 -9.32 -11.67
C LEU A 429 -35.79 -9.44 -10.14
N LEU A 430 -34.62 -9.60 -9.52
CA LEU A 430 -34.51 -9.76 -8.07
C LEU A 430 -34.62 -8.45 -7.30
N LYS A 431 -34.30 -7.33 -7.95
CA LYS A 431 -34.19 -6.03 -7.27
C LYS A 431 -35.40 -5.57 -6.44
N PRO A 432 -36.62 -5.57 -7.04
CA PRO A 432 -37.75 -5.01 -6.28
C PRO A 432 -38.03 -5.71 -4.94
N LEU A 433 -38.01 -7.04 -4.92
CA LEU A 433 -38.31 -7.80 -3.70
C LEU A 433 -37.08 -8.18 -2.85
N PHE A 434 -35.97 -8.49 -3.50
CA PHE A 434 -34.74 -8.90 -2.79
C PHE A 434 -33.50 -8.10 -3.21
N PRO A 435 -33.42 -6.81 -2.76
CA PRO A 435 -32.34 -5.91 -3.17
C PRO A 435 -30.93 -6.38 -2.80
N ARG A 436 -30.77 -7.05 -1.67
CA ARG A 436 -29.45 -7.58 -1.27
C ARG A 436 -28.92 -8.59 -2.28
N LEU A 437 -29.78 -9.54 -2.64
CA LEU A 437 -29.45 -10.59 -3.59
C LEU A 437 -29.14 -9.99 -4.97
N ALA A 438 -29.95 -9.00 -5.36
CA ALA A 438 -29.79 -8.33 -6.64
C ALA A 438 -28.46 -7.59 -6.76
N ALA A 439 -28.12 -6.80 -5.74
CA ALA A 439 -26.88 -6.01 -5.71
C ALA A 439 -25.61 -6.85 -5.71
N PHE A 440 -25.58 -7.92 -4.91
CA PHE A 440 -24.45 -8.86 -4.89
C PHE A 440 -24.26 -9.53 -6.25
N LEU A 441 -25.36 -9.99 -6.83
CA LEU A 441 -25.32 -10.67 -8.12
C LEU A 441 -24.78 -9.75 -9.23
N ASN A 442 -25.26 -8.50 -9.26
CA ASN A 442 -24.76 -7.54 -10.24
C ASN A 442 -23.27 -7.23 -10.07
N SER A 443 -22.84 -7.10 -8.81
CA SER A 443 -21.45 -6.76 -8.51
C SER A 443 -20.48 -7.93 -8.77
N MET A 444 -21.01 -9.13 -8.98
CA MET A 444 -20.18 -10.30 -9.29
C MET A 444 -20.09 -10.53 -10.82
N ARG A 445 -20.34 -9.47 -11.58
CA ARG A 445 -20.16 -9.50 -13.03
C ARG A 445 -18.75 -9.02 -13.39
N PRO A 446 -18.21 -9.46 -14.54
CA PRO A 446 -16.91 -8.99 -14.98
C PRO A 446 -17.01 -7.56 -15.49
N ARG A 447 -15.92 -6.80 -15.39
CA ARG A 447 -15.89 -5.43 -15.90
C ARG A 447 -14.55 -5.11 -16.57
N SER A 448 -14.46 -3.89 -17.10
CA SER A 448 -13.24 -3.42 -17.77
C SER A 448 -12.23 -2.91 -16.75
N ALA A 449 -10.98 -2.77 -17.18
CA ALA A 449 -9.94 -2.11 -16.38
C ALA A 449 -10.39 -0.70 -15.99
N GLU A 450 -11.01 -0.01 -16.93
CA GLU A 450 -11.56 1.32 -16.72
C GLU A 450 -12.49 1.35 -15.49
N LYS A 451 -13.41 0.40 -15.42
CA LYS A 451 -14.34 0.29 -14.30
C LYS A 451 -13.69 -0.13 -12.99
N LEU A 452 -12.59 -0.90 -13.07
CA LEU A 452 -11.83 -1.25 -11.87
C LEU A 452 -11.15 0.00 -11.29
N TRP A 453 -10.53 0.81 -12.14
CA TRP A 453 -9.93 2.09 -11.68
C TRP A 453 -10.95 2.92 -10.91
N LYS A 454 -12.13 3.07 -11.50
CA LYS A 454 -13.23 3.81 -10.89
C LYS A 454 -13.60 3.22 -9.52
N LEU A 455 -13.71 1.88 -9.46
CA LEU A 455 -14.01 1.19 -8.21
C LEU A 455 -12.92 1.38 -7.15
N GLN A 456 -11.66 1.32 -7.58
CA GLN A 456 -10.51 1.51 -6.68
C GLN A 456 -10.49 2.93 -6.11
N HIS A 457 -10.85 3.91 -6.92
CA HIS A 457 -11.01 5.30 -6.45
C HIS A 457 -12.18 5.45 -5.46
N GLU A 458 -13.28 4.75 -5.73
CA GLU A 458 -14.44 4.76 -4.82
C GLU A 458 -14.12 4.17 -3.44
N ILE A 459 -13.32 3.11 -3.41
CA ILE A 459 -12.91 2.45 -2.16
C ILE A 459 -12.03 3.39 -1.33
N GLU A 460 -11.13 4.09 -2.03
CA GLU A 460 -10.23 5.07 -1.45
C GLU A 460 -10.99 6.29 -0.89
N MET A 461 -11.97 6.79 -1.65
CA MET A 461 -12.83 7.88 -1.17
C MET A 461 -13.69 7.42 0.01
N TYR A 462 -14.21 6.20 -0.06
CA TYR A 462 -15.01 5.66 1.04
C TYR A 462 -14.18 5.56 2.32
N ARG A 463 -12.90 5.24 2.18
CA ARG A 463 -11.98 5.11 3.30
C ARG A 463 -11.78 6.47 3.97
N GLN A 464 -11.60 7.51 3.15
CA GLN A 464 -11.47 8.88 3.65
C GLN A 464 -12.77 9.37 4.31
N SER A 465 -13.91 8.93 3.77
CA SER A 465 -15.21 9.28 4.34
C SER A 465 -15.40 8.80 5.79
N VAL A 466 -15.14 7.51 6.03
CA VAL A 466 -15.35 6.92 7.34
C VAL A 466 -14.30 7.44 8.34
N ILE A 467 -13.09 7.68 7.83
CA ILE A 467 -12.04 8.32 8.64
C ILE A 467 -12.45 9.72 9.11
N ALA A 468 -13.03 10.51 8.20
CA ALA A 468 -13.53 11.85 8.57
C ALA A 468 -14.70 11.79 9.56
N GLN A 469 -15.63 10.87 9.33
CA GLN A 469 -16.73 10.59 10.26
C GLN A 469 -16.18 10.26 11.65
N TRP A 470 -15.16 9.39 11.68
CA TRP A 470 -14.47 8.97 12.89
C TRP A 470 -13.84 10.17 13.61
N LYS A 471 -13.16 11.02 12.85
CA LYS A 471 -12.48 12.20 13.37
C LYS A 471 -13.42 13.25 13.94
N ALA A 472 -14.55 13.46 13.28
CA ALA A 472 -15.54 14.46 13.70
C ALA A 472 -16.23 14.09 15.02
N MET A 473 -16.25 12.78 15.33
CA MET A 473 -16.69 12.31 16.65
C MET A 473 -15.51 12.14 17.59
N ASN A 474 -14.30 12.36 17.08
CA ASN A 474 -13.08 12.26 17.86
C ASN A 474 -12.94 10.92 18.60
N LEU A 475 -13.18 9.83 17.87
CA LEU A 475 -13.06 8.48 18.40
C LEU A 475 -11.60 8.09 18.60
N ASP A 476 -11.36 7.21 19.57
CA ASP A 476 -10.08 6.52 19.67
C ASP A 476 -10.23 5.16 18.97
N VAL A 477 -11.29 4.45 19.34
CA VAL A 477 -11.55 3.09 18.88
C VAL A 477 -13.03 2.89 18.58
N LEU A 478 -13.38 1.73 18.05
CA LEU A 478 -14.74 1.43 17.67
C LEU A 478 -15.15 0.02 18.12
N LEU A 479 -16.28 -0.06 18.83
CA LEU A 479 -16.85 -1.30 19.34
C LEU A 479 -18.00 -1.77 18.45
N THR A 480 -17.96 -3.03 18.07
CA THR A 480 -18.84 -3.57 17.04
C THR A 480 -19.34 -4.94 17.48
N PRO A 481 -20.58 -5.32 17.09
CA PRO A 481 -20.98 -6.70 17.28
C PRO A 481 -20.12 -7.62 16.43
N MET A 482 -19.96 -8.87 16.85
CA MET A 482 -19.29 -9.86 16.04
C MET A 482 -20.23 -11.04 15.79
N LEU A 483 -20.34 -11.46 14.52
CA LEU A 483 -21.26 -12.53 14.14
C LEU A 483 -21.09 -13.76 15.03
N GLY A 484 -22.21 -14.20 15.62
CA GLY A 484 -22.24 -15.35 16.51
C GLY A 484 -23.63 -15.58 17.07
N PRO A 485 -23.86 -16.75 17.72
CA PRO A 485 -22.93 -17.85 17.90
C PRO A 485 -22.68 -18.61 16.60
N ALA A 486 -21.79 -19.60 16.66
CA ALA A 486 -21.42 -20.43 15.51
C ALA A 486 -22.65 -20.94 14.77
N LEU A 487 -22.59 -20.83 13.44
CA LEU A 487 -23.62 -21.34 12.55
C LEU A 487 -23.51 -22.86 12.41
N ASP A 488 -24.64 -23.52 12.15
CA ASP A 488 -24.62 -24.95 11.84
C ASP A 488 -23.73 -25.19 10.63
N LEU A 489 -23.10 -26.36 10.60
CA LEU A 489 -22.34 -26.82 9.45
C LEU A 489 -23.12 -26.60 8.15
N ASN A 490 -22.41 -26.18 7.10
CA ASN A 490 -22.96 -26.04 5.74
C ASN A 490 -23.98 -24.92 5.54
N THR A 491 -24.05 -23.99 6.49
CA THR A 491 -24.94 -22.83 6.37
C THR A 491 -24.24 -21.49 6.10
N PRO A 492 -22.96 -21.33 6.53
CA PRO A 492 -22.31 -20.05 6.20
C PRO A 492 -22.32 -19.73 4.70
N GLY A 493 -22.10 -20.73 3.85
CA GLY A 493 -22.13 -20.56 2.40
C GLY A 493 -23.50 -20.19 1.85
N ARG A 494 -24.51 -20.21 2.72
CA ARG A 494 -25.87 -19.89 2.32
C ARG A 494 -26.44 -18.70 3.09
N ALA A 495 -25.59 -18.01 3.84
CA ALA A 495 -25.96 -16.80 4.59
C ALA A 495 -24.93 -15.70 4.38
N THR A 496 -24.68 -15.38 3.12
CA THR A 496 -23.61 -14.44 2.71
C THR A 496 -23.70 -13.08 3.39
N GLY A 497 -24.91 -12.56 3.56
CA GLY A 497 -25.13 -11.27 4.22
C GLY A 497 -24.44 -11.12 5.58
N ALA A 498 -24.21 -12.24 6.26
CA ALA A 498 -23.64 -12.26 7.61
C ALA A 498 -22.16 -11.85 7.68
N ILE A 499 -21.54 -11.67 6.51
CA ILE A 499 -20.14 -11.20 6.46
C ILE A 499 -20.06 -9.68 6.65
N SER A 500 -21.22 -9.05 6.75
CA SER A 500 -21.32 -7.59 6.84
C SER A 500 -20.51 -6.99 8.00
N TYR A 501 -20.52 -7.67 9.16
CA TYR A 501 -19.80 -7.18 10.33
C TYR A 501 -18.28 -7.21 10.17
N THR A 502 -17.77 -8.14 9.37
CA THR A 502 -16.33 -8.30 9.22
C THR A 502 -15.72 -7.66 7.98
N VAL A 503 -16.27 -7.95 6.79
CA VAL A 503 -15.70 -7.50 5.52
C VAL A 503 -15.68 -5.97 5.37
N LEU A 504 -16.59 -5.30 6.06
CA LEU A 504 -16.58 -3.83 6.14
C LEU A 504 -15.18 -3.29 6.48
N TYR A 505 -14.48 -3.98 7.39
CA TYR A 505 -13.16 -3.54 7.85
C TYR A 505 -11.98 -4.07 7.01
N ASN A 506 -12.26 -5.04 6.14
CA ASN A 506 -11.31 -5.41 5.08
C ASN A 506 -11.39 -4.38 3.97
N CYS A 507 -12.61 -3.96 3.66
CA CYS A 507 -12.84 -2.90 2.68
C CYS A 507 -12.21 -1.58 3.15
N LEU A 508 -12.35 -1.28 4.44
CA LEU A 508 -11.80 -0.06 5.00
C LEU A 508 -10.31 -0.20 5.29
N ASP A 509 -9.85 -1.45 5.39
CA ASP A 509 -8.47 -1.80 5.77
C ASP A 509 -8.09 -1.13 7.09
N PHE A 510 -8.94 -1.38 8.09
CA PHE A 510 -8.70 -0.97 9.47
C PHE A 510 -8.29 -2.23 10.24
N PRO A 511 -7.35 -2.10 11.20
CA PRO A 511 -7.12 -3.25 12.09
C PRO A 511 -8.37 -3.58 12.87
N ALA A 512 -8.71 -4.86 12.94
CA ALA A 512 -9.90 -5.31 13.63
C ALA A 512 -9.62 -6.62 14.33
N GLY A 513 -9.96 -6.67 15.62
CA GLY A 513 -9.74 -7.86 16.42
C GLY A 513 -11.00 -8.31 17.12
N VAL A 514 -10.98 -9.54 17.61
CA VAL A 514 -12.17 -10.12 18.19
C VAL A 514 -11.85 -10.77 19.54
N VAL A 515 -12.74 -10.61 20.52
CA VAL A 515 -12.55 -11.24 21.85
C VAL A 515 -13.84 -11.82 22.43
N PRO A 516 -13.77 -13.05 22.98
CA PRO A 516 -14.93 -13.69 23.61
C PRO A 516 -15.35 -12.94 24.86
N VAL A 517 -16.66 -12.68 25.02
CA VAL A 517 -17.16 -11.91 26.16
C VAL A 517 -18.30 -12.56 26.94
N THR A 518 -19.04 -13.48 26.32
CA THR A 518 -20.17 -14.14 26.96
C THR A 518 -20.45 -15.51 26.35
N THR A 519 -21.45 -16.21 26.88
CA THR A 519 -21.95 -17.45 26.27
C THR A 519 -23.45 -17.36 26.06
N VAL A 520 -23.95 -18.10 25.07
CA VAL A 520 -25.38 -18.12 24.77
C VAL A 520 -26.16 -18.75 25.93
N THR A 521 -27.14 -18.00 26.44
CA THR A 521 -28.04 -18.47 27.49
C THR A 521 -29.27 -19.14 26.87
N ALA A 522 -30.01 -19.89 27.68
CA ALA A 522 -31.28 -20.49 27.25
C ALA A 522 -32.22 -19.40 26.74
N GLU A 523 -32.22 -18.26 27.43
CA GLU A 523 -33.03 -17.10 27.06
C GLU A 523 -32.56 -16.48 25.73
N ASP A 524 -31.25 -16.36 25.53
CA ASP A 524 -30.69 -15.89 24.25
C ASP A 524 -31.18 -16.77 23.10
N ASP A 525 -31.10 -18.08 23.30
CA ASP A 525 -31.40 -19.05 22.25
C ASP A 525 -32.89 -19.11 21.92
N ALA A 526 -33.75 -19.13 22.95
CA ALA A 526 -35.20 -19.13 22.76
C ALA A 526 -35.70 -17.90 21.99
N GLN A 527 -35.03 -16.76 22.17
CA GLN A 527 -35.38 -15.53 21.45
C GLN A 527 -35.08 -15.57 19.95
N MET A 528 -34.36 -16.60 19.50
CA MET A 528 -34.14 -16.82 18.06
C MET A 528 -35.45 -17.12 17.33
N GLU A 529 -36.44 -17.63 18.07
CA GLU A 529 -37.79 -17.83 17.53
C GLU A 529 -38.46 -16.55 17.06
N LEU A 530 -38.04 -15.40 17.61
CA LEU A 530 -38.57 -14.10 17.24
C LEU A 530 -37.71 -13.37 16.18
N TYR A 531 -36.56 -13.95 15.86
CA TYR A 531 -35.62 -13.39 14.87
C TYR A 531 -36.26 -13.31 13.49
N LYS A 532 -36.20 -12.14 12.86
CA LYS A 532 -36.79 -11.94 11.54
C LYS A 532 -35.77 -11.50 10.47
N GLY A 533 -34.81 -10.68 10.89
CA GLY A 533 -33.87 -10.09 9.93
C GLY A 533 -34.50 -8.85 9.31
N TYR A 534 -33.68 -7.99 8.71
CA TYR A 534 -34.16 -6.73 8.15
C TYR A 534 -34.77 -6.87 6.76
N PHE A 535 -34.40 -7.93 6.06
CA PHE A 535 -34.75 -8.11 4.65
C PHE A 535 -35.72 -9.26 4.39
N GLY A 536 -35.63 -10.31 5.21
CA GLY A 536 -36.49 -11.48 5.06
C GLY A 536 -36.21 -12.31 3.83
N ASP A 537 -35.04 -12.10 3.22
CA ASP A 537 -34.62 -12.90 2.07
C ASP A 537 -34.03 -14.25 2.52
N ILE A 538 -33.62 -15.08 1.56
CA ILE A 538 -33.10 -16.43 1.86
C ILE A 538 -31.95 -16.41 2.88
N TRP A 539 -31.15 -15.35 2.88
CA TRP A 539 -30.02 -15.22 3.79
C TRP A 539 -30.45 -15.07 5.25
N ASP A 540 -31.45 -14.22 5.49
CA ASP A 540 -32.06 -14.05 6.81
C ASP A 540 -32.73 -15.33 7.31
N ILE A 541 -33.48 -15.99 6.43
CA ILE A 541 -34.16 -17.25 6.77
C ILE A 541 -33.15 -18.32 7.22
N ILE A 542 -32.09 -18.51 6.43
CA ILE A 542 -31.07 -19.49 6.75
C ILE A 542 -30.33 -19.17 8.07
N LEU A 543 -30.00 -17.90 8.27
CA LEU A 543 -29.31 -17.44 9.46
C LEU A 543 -30.15 -17.64 10.74
N LYS A 544 -31.45 -17.42 10.65
CA LYS A 544 -32.36 -17.66 11.77
C LYS A 544 -32.31 -19.10 12.28
N LYS A 545 -32.31 -20.06 11.37
CA LYS A 545 -32.22 -21.47 11.72
C LYS A 545 -30.79 -21.84 12.15
N ALA A 546 -29.81 -21.26 11.46
CA ALA A 546 -28.39 -21.57 11.68
C ALA A 546 -27.85 -21.17 13.06
N MET A 547 -28.45 -20.16 13.68
CA MET A 547 -27.97 -19.67 14.98
C MET A 547 -28.69 -20.28 16.20
N LYS A 548 -29.76 -21.02 15.96
CA LYS A 548 -30.49 -21.73 17.02
C LYS A 548 -29.63 -22.88 17.57
N ASN A 549 -30.12 -23.50 18.65
CA ASN A 549 -29.45 -24.64 19.30
C ASN A 549 -27.99 -24.36 19.67
N SER A 550 -27.76 -23.19 20.28
CA SER A 550 -26.41 -22.73 20.55
C SER A 550 -26.10 -22.50 22.03
N VAL A 551 -26.99 -22.93 22.93
CA VAL A 551 -26.80 -22.72 24.36
C VAL A 551 -25.40 -23.15 24.79
N GLY A 552 -24.69 -22.23 25.46
CA GLY A 552 -23.36 -22.51 25.99
C GLY A 552 -22.19 -22.14 25.07
N LEU A 553 -22.50 -21.76 23.83
CA LEU A 553 -21.46 -21.41 22.87
C LEU A 553 -20.92 -20.00 23.11
N PRO A 554 -19.63 -19.78 22.80
CA PRO A 554 -18.99 -18.49 23.02
C PRO A 554 -19.48 -17.41 22.04
N VAL A 555 -19.64 -16.18 22.54
CA VAL A 555 -20.04 -15.05 21.71
C VAL A 555 -19.04 -13.92 21.90
N ALA A 556 -18.69 -13.26 20.80
CA ALA A 556 -17.62 -12.27 20.81
C ALA A 556 -18.10 -10.86 20.48
N VAL A 557 -17.17 -9.93 20.66
CA VAL A 557 -17.33 -8.54 20.30
C VAL A 557 -16.12 -8.20 19.42
N GLN A 558 -16.28 -7.22 18.53
CA GLN A 558 -15.20 -6.82 17.63
C GLN A 558 -14.64 -5.45 17.99
N CYS A 559 -13.31 -5.36 18.03
CA CYS A 559 -12.59 -4.12 18.36
C CYS A 559 -11.82 -3.59 17.17
N VAL A 560 -11.98 -2.29 16.90
CA VAL A 560 -11.46 -1.67 15.68
C VAL A 560 -10.69 -0.40 16.02
N ALA A 561 -9.59 -0.17 15.30
CA ALA A 561 -8.85 1.09 15.35
C ALA A 561 -8.55 1.56 13.93
N LEU A 562 -8.02 2.78 13.81
CA LEU A 562 -7.64 3.33 12.51
C LEU A 562 -6.46 2.56 11.89
N PRO A 563 -6.28 2.67 10.56
CA PRO A 563 -5.14 2.05 9.86
C PRO A 563 -3.80 2.25 10.56
N TRP A 564 -3.01 1.17 10.60
CA TRP A 564 -1.68 1.12 11.23
C TRP A 564 -1.69 1.22 12.77
N GLN A 565 -2.88 1.17 13.37
CA GLN A 565 -2.99 1.32 14.83
C GLN A 565 -3.26 -0.01 15.52
N GLU A 566 -2.44 -1.01 15.19
CA GLU A 566 -2.57 -2.36 15.75
C GLU A 566 -2.40 -2.36 17.27
N GLU A 567 -1.43 -1.58 17.76
CA GLU A 567 -1.13 -1.51 19.18
C GLU A 567 -2.28 -0.92 19.97
N LEU A 568 -2.90 0.14 19.43
CA LEU A 568 -4.09 0.72 20.04
C LEU A 568 -5.26 -0.25 19.99
N CYS A 569 -5.45 -0.91 18.84
CA CYS A 569 -6.49 -1.94 18.72
C CYS A 569 -6.30 -3.05 19.76
N LEU A 570 -5.06 -3.49 19.96
CA LEU A 570 -4.74 -4.50 20.97
C LEU A 570 -4.95 -3.96 22.40
N ARG A 571 -4.61 -2.69 22.62
CA ARG A 571 -4.83 -2.02 23.91
C ARG A 571 -6.31 -2.08 24.30
N PHE A 572 -7.17 -1.81 23.31
CA PHE A 572 -8.61 -1.82 23.50
C PHE A 572 -9.10 -3.27 23.72
N MET A 573 -8.55 -4.20 22.95
CA MET A 573 -8.88 -5.63 23.12
C MET A 573 -8.51 -6.14 24.51
N ARG A 574 -7.36 -5.70 25.00
CA ARG A 574 -6.88 -6.03 26.33
C ARG A 574 -7.90 -5.54 27.38
N GLU A 575 -8.36 -4.31 27.20
CA GLU A 575 -9.37 -3.72 28.08
C GLU A 575 -10.65 -4.54 28.11
N VAL A 576 -11.16 -4.89 26.94
CA VAL A 576 -12.40 -5.67 26.83
C VAL A 576 -12.25 -7.02 27.56
N GLU A 577 -11.13 -7.70 27.29
CA GLU A 577 -10.82 -8.97 27.93
C GLU A 577 -10.78 -8.86 29.44
N GLN A 578 -10.10 -7.83 29.94
CA GLN A 578 -9.94 -7.63 31.36
C GLN A 578 -11.27 -7.44 32.08
N LEU A 579 -12.19 -6.72 31.44
CA LEU A 579 -13.48 -6.39 32.05
C LEU A 579 -14.50 -7.52 31.89
N MET A 580 -14.40 -8.26 30.79
CA MET A 580 -15.37 -9.30 30.50
C MET A 580 -14.93 -10.69 30.95
N THR A 581 -13.63 -10.96 30.90
CA THR A 581 -13.06 -12.25 31.30
C THR A 581 -11.73 -12.07 32.07
N PRO A 582 -11.79 -11.50 33.29
CA PRO A 582 -10.58 -11.10 34.04
C PRO A 582 -9.57 -12.21 34.36
N GLN A 583 -10.04 -13.46 34.50
CA GLN A 583 -9.14 -14.58 34.81
C GLN A 583 -8.04 -14.76 33.76
N LYS A 584 -8.33 -14.32 32.52
CA LYS A 584 -7.35 -14.41 31.42
C LYS A 584 -6.19 -13.45 31.60
N GLN A 585 -6.32 -12.55 32.58
CA GLN A 585 -5.24 -11.66 32.99
C GLN A 585 -5.08 -11.72 34.52
N ARG B 42 -14.30 25.27 -29.88
CA ARG B 42 -13.11 25.74 -29.11
C ARG B 42 -13.36 27.06 -28.39
N GLN B 43 -14.60 27.55 -28.44
CA GLN B 43 -14.99 28.78 -27.77
C GLN B 43 -14.83 28.63 -26.24
N LYS B 44 -15.29 27.50 -25.72
CA LYS B 44 -15.15 27.17 -24.30
C LYS B 44 -13.69 27.17 -23.83
N ALA B 45 -12.82 26.54 -24.63
CA ALA B 45 -11.38 26.46 -24.32
C ALA B 45 -10.67 27.81 -24.38
N ARG B 46 -11.02 28.63 -25.38
CA ARG B 46 -10.46 29.99 -25.51
C ARG B 46 -10.86 30.86 -24.31
N GLY B 47 -12.12 30.76 -23.90
CA GLY B 47 -12.64 31.49 -22.74
C GLY B 47 -11.88 31.11 -21.47
N ALA B 48 -11.66 29.82 -21.28
CA ALA B 48 -10.87 29.32 -20.14
C ALA B 48 -9.45 29.90 -20.15
N ALA B 49 -8.81 29.90 -21.31
CA ALA B 49 -7.45 30.44 -21.46
C ALA B 49 -7.38 31.95 -21.15
N THR B 50 -8.38 32.70 -21.62
CA THR B 50 -8.47 34.14 -21.35
C THR B 50 -8.61 34.41 -19.85
N ARG B 51 -9.50 33.66 -19.20
CA ARG B 51 -9.71 33.79 -17.76
C ARG B 51 -8.43 33.48 -16.96
N ALA B 52 -7.80 32.34 -17.25
CA ALA B 52 -6.59 31.90 -16.57
C ALA B 52 -5.42 32.89 -16.71
N ARG B 53 -5.27 33.47 -17.90
CA ARG B 53 -4.19 34.42 -18.15
C ARG B 53 -4.41 35.76 -17.42
N GLN B 54 -5.67 36.16 -17.30
CA GLN B 54 -6.03 37.34 -16.51
C GLN B 54 -5.72 37.13 -15.04
N LYS B 55 -6.08 35.96 -14.53
CA LYS B 55 -5.79 35.58 -13.15
C LYS B 55 -4.28 35.55 -12.89
N GLN B 56 -3.52 34.96 -13.82
CA GLN B 56 -2.05 34.88 -13.71
C GLN B 56 -1.43 36.28 -13.71
N ARG B 57 -1.93 37.14 -14.59
CA ARG B 57 -1.46 38.52 -14.71
C ARG B 57 -1.72 39.31 -13.43
N ALA B 58 -2.92 39.20 -12.87
CA ALA B 58 -3.29 39.87 -11.62
C ALA B 58 -2.48 39.35 -10.43
N SER B 59 -2.20 38.05 -10.45
CA SER B 59 -1.34 37.42 -9.43
C SER B 59 0.04 38.06 -9.43
N LEU B 60 0.65 38.14 -10.61
CA LEU B 60 1.97 38.73 -10.79
C LEU B 60 2.01 40.22 -10.42
N GLU B 61 0.95 40.95 -10.76
CA GLU B 61 0.79 42.35 -10.39
C GLU B 61 0.75 42.56 -8.89
N THR B 62 -0.08 41.75 -8.21
CA THR B 62 -0.17 41.75 -6.76
C THR B 62 1.19 41.46 -6.14
N MET B 63 1.85 40.42 -6.64
CA MET B 63 3.21 40.08 -6.22
C MET B 63 4.12 41.30 -6.32
N ASP B 64 4.13 41.92 -7.50
CA ASP B 64 4.96 43.10 -7.80
C ASP B 64 4.74 44.25 -6.81
N LYS B 65 3.47 44.55 -6.52
CA LYS B 65 3.13 45.63 -5.60
C LYS B 65 3.51 45.33 -4.16
N ALA B 66 3.34 44.07 -3.75
CA ALA B 66 3.70 43.65 -2.40
C ALA B 66 5.20 43.76 -2.15
N VAL B 67 6.01 43.34 -3.13
CA VAL B 67 7.47 43.40 -2.95
C VAL B 67 8.01 44.83 -3.00
N GLN B 68 7.46 45.65 -3.89
CA GLN B 68 7.84 47.07 -3.96
C GLN B 68 7.56 47.80 -2.66
N ARG B 69 6.39 47.55 -2.07
CA ARG B 69 6.01 48.09 -0.77
C ARG B 69 7.03 47.68 0.31
N PHE B 70 7.37 46.39 0.37
CA PHE B 70 8.31 45.90 1.38
C PHE B 70 9.74 46.42 1.20
N ARG B 71 10.22 46.45 -0.05
CA ARG B 71 11.57 46.91 -0.36
C ARG B 71 11.77 48.36 0.07
N LEU B 72 10.78 49.19 -0.21
CA LEU B 72 10.83 50.61 0.14
C LEU B 72 10.78 50.82 1.66
N GLN B 73 10.03 49.98 2.35
CA GLN B 73 9.95 50.01 3.82
C GLN B 73 11.17 49.39 4.50
N ASN B 74 11.91 48.55 3.79
CA ASN B 74 13.09 47.87 4.34
C ASN B 74 14.32 47.97 3.43
N PRO B 75 14.80 49.21 3.16
CA PRO B 75 15.85 49.39 2.15
C PRO B 75 17.23 48.88 2.54
N ASP B 76 17.48 48.72 3.83
CA ASP B 76 18.81 48.32 4.31
C ASP B 76 19.04 46.81 4.31
N LEU B 77 17.96 46.05 4.11
CA LEU B 77 18.01 44.59 4.06
C LEU B 77 18.89 44.13 2.90
N ASP B 78 19.93 43.36 3.23
CA ASP B 78 20.80 42.73 2.23
C ASP B 78 20.06 41.56 1.61
N SER B 79 19.42 41.81 0.46
CA SER B 79 18.58 40.82 -0.20
C SER B 79 19.39 39.71 -0.85
N GLU B 80 20.55 40.05 -1.41
CA GLU B 80 21.42 39.07 -2.06
C GLU B 80 21.92 38.01 -1.07
N ALA B 81 22.43 38.46 0.07
CA ALA B 81 22.92 37.55 1.12
C ALA B 81 21.80 36.65 1.64
N LEU B 82 20.61 37.23 1.84
CA LEU B 82 19.40 36.52 2.23
C LEU B 82 19.14 35.35 1.26
N LEU B 83 19.12 35.68 -0.03
CA LEU B 83 18.79 34.73 -1.10
C LEU B 83 19.83 33.63 -1.32
N THR B 84 21.09 33.93 -1.04
CA THR B 84 22.16 32.95 -1.28
C THR B 84 22.41 32.04 -0.07
N LEU B 85 21.77 32.35 1.05
CA LEU B 85 21.80 31.48 2.24
C LEU B 85 21.26 30.09 1.89
N PRO B 86 22.04 29.03 2.21
CA PRO B 86 21.44 27.70 2.14
C PRO B 86 20.26 27.60 3.11
N LEU B 87 19.24 26.84 2.73
CA LEU B 87 18.01 26.71 3.51
C LEU B 87 18.25 26.46 5.00
N LEU B 88 19.14 25.53 5.33
CA LEU B 88 19.44 25.21 6.73
C LEU B 88 19.87 26.42 7.56
N GLN B 89 20.72 27.25 6.97
CA GLN B 89 21.17 28.48 7.60
C GLN B 89 20.03 29.50 7.66
N LEU B 90 19.23 29.55 6.59
CA LEU B 90 18.05 30.40 6.53
C LEU B 90 17.04 30.08 7.65
N VAL B 91 16.79 28.79 7.90
CA VAL B 91 15.83 28.41 8.94
C VAL B 91 16.38 28.66 10.35
N GLN B 92 17.69 28.51 10.53
CA GLN B 92 18.32 28.75 11.83
C GLN B 92 18.29 30.26 12.18
N LYS B 93 18.47 31.10 11.17
CA LYS B 93 18.33 32.56 11.34
C LYS B 93 16.88 32.96 11.64
N LEU B 94 15.94 32.29 10.99
CA LEU B 94 14.51 32.50 11.25
C LEU B 94 14.08 32.04 12.64
N GLN B 95 14.68 30.93 13.10
CA GLN B 95 14.35 30.35 14.40
C GLN B 95 14.89 31.19 15.54
N SER B 96 16.08 31.75 15.34
CA SER B 96 16.73 32.62 16.33
C SER B 96 16.12 34.02 16.38
N GLY B 97 15.57 34.50 15.26
CA GLY B 97 15.01 35.84 15.19
C GLY B 97 15.91 36.86 14.50
N GLU B 98 17.07 36.41 14.02
CA GLU B 98 17.96 37.25 13.22
C GLU B 98 17.28 37.77 11.95
N LEU B 99 16.55 36.91 11.26
CA LEU B 99 15.73 37.33 10.11
C LEU B 99 14.27 37.17 10.44
N SER B 100 13.48 38.19 10.09
CA SER B 100 12.03 38.13 10.28
C SER B 100 11.42 37.27 9.17
N PRO B 101 10.28 36.62 9.46
CA PRO B 101 9.58 35.88 8.40
C PRO B 101 9.16 36.80 7.27
N GLU B 102 8.83 38.04 7.59
CA GLU B 102 8.48 39.07 6.60
C GLU B 102 9.63 39.32 5.62
N ALA B 103 10.84 39.43 6.15
CA ALA B 103 12.04 39.71 5.36
C ALA B 103 12.33 38.58 4.38
N VAL B 104 12.28 37.34 4.88
CA VAL B 104 12.53 36.16 4.07
C VAL B 104 11.46 36.05 3.00
N PHE B 105 10.20 36.21 3.40
CA PHE B 105 9.07 36.04 2.50
C PHE B 105 9.10 36.97 1.29
N PHE B 106 9.09 38.28 1.55
CA PHE B 106 9.00 39.27 0.47
C PHE B 106 10.24 39.33 -0.42
N THR B 107 11.40 39.02 0.15
CA THR B 107 12.65 38.90 -0.61
C THR B 107 12.56 37.74 -1.60
N TYR B 108 12.08 36.58 -1.14
CA TYR B 108 11.84 35.47 -2.06
C TYR B 108 10.72 35.73 -3.08
N LEU B 109 9.67 36.44 -2.66
CA LEU B 109 8.57 36.80 -3.55
C LEU B 109 9.11 37.66 -4.69
N GLY B 110 9.95 38.64 -4.32
CA GLY B 110 10.59 39.53 -5.29
C GLY B 110 11.43 38.74 -6.29
N LYS B 111 12.24 37.83 -5.78
CA LYS B 111 13.07 36.96 -6.61
C LYS B 111 12.23 36.06 -7.52
N ALA B 112 11.17 35.48 -6.96
CA ALA B 112 10.23 34.66 -7.74
C ALA B 112 9.62 35.45 -8.90
N TRP B 113 9.18 36.68 -8.61
CA TRP B 113 8.60 37.55 -9.62
C TRP B 113 9.60 37.82 -10.76
N GLU B 114 10.85 38.09 -10.38
CA GLU B 114 11.92 38.38 -11.34
C GLU B 114 12.25 37.19 -12.24
N VAL B 115 12.42 36.01 -11.65
CA VAL B 115 12.79 34.82 -12.41
C VAL B 115 11.66 34.35 -13.32
N ASN B 116 10.42 34.61 -12.92
CA ASN B 116 9.26 34.28 -13.74
C ASN B 116 9.26 34.99 -15.09
N LYS B 117 9.80 36.20 -15.14
CA LYS B 117 9.84 36.97 -16.40
C LYS B 117 10.52 36.21 -17.53
N GLY B 118 11.60 35.48 -17.19
CA GLY B 118 12.33 34.71 -18.19
C GLY B 118 11.88 33.26 -18.35
N THR B 119 11.07 32.77 -17.42
CA THR B 119 10.75 31.34 -17.35
C THR B 119 9.26 31.00 -17.50
N ASN B 120 8.39 31.91 -17.08
CA ASN B 120 6.94 31.66 -17.05
C ASN B 120 6.61 30.40 -16.23
N CYS B 121 7.09 30.37 -14.98
CA CYS B 121 6.96 29.20 -14.12
C CYS B 121 5.82 29.31 -13.11
N VAL B 122 5.37 30.54 -12.84
CA VAL B 122 4.34 30.80 -11.84
C VAL B 122 2.96 30.98 -12.49
N THR B 123 1.98 30.22 -12.02
CA THR B 123 0.61 30.35 -12.53
C THR B 123 -0.26 31.20 -11.62
N SER B 124 0.03 31.16 -10.32
CA SER B 124 -0.87 31.73 -9.32
C SER B 124 -0.15 32.13 -8.04
N TYR B 125 -0.46 33.32 -7.56
CA TYR B 125 -0.02 33.80 -6.25
C TYR B 125 -1.06 33.39 -5.20
N LEU B 126 -0.62 32.59 -4.22
CA LEU B 126 -1.51 32.08 -3.18
C LEU B 126 -1.80 33.19 -2.17
N THR B 127 -2.72 34.08 -2.56
CA THR B 127 -2.89 35.43 -1.99
C THR B 127 -2.98 35.53 -0.46
N ASP B 128 -3.62 34.54 0.18
CA ASP B 128 -3.83 34.55 1.63
C ASP B 128 -2.56 34.25 2.45
N CYS B 129 -1.45 34.04 1.76
CA CYS B 129 -0.19 33.66 2.41
C CYS B 129 0.38 34.72 3.36
N GLU B 130 0.06 35.98 3.09
CA GLU B 130 0.55 37.09 3.91
C GLU B 130 -0.05 37.08 5.32
N THR B 131 -1.23 36.49 5.47
CA THR B 131 -1.84 36.34 6.79
C THR B 131 -1.40 35.06 7.50
N GLN B 132 -1.16 33.99 6.72
CA GLN B 132 -0.55 32.76 7.24
C GLN B 132 0.86 33.04 7.77
N LEU B 133 1.54 33.98 7.11
CA LEU B 133 2.83 34.52 7.52
C LEU B 133 2.85 34.96 8.99
N SER B 134 1.85 35.77 9.37
CA SER B 134 1.76 36.33 10.72
CA SER B 134 1.75 36.33 10.72
C SER B 134 1.36 35.28 11.75
N GLN B 135 0.72 34.21 11.29
CA GLN B 135 0.19 33.15 12.16
C GLN B 135 1.08 31.91 12.27
N ALA B 136 2.19 31.92 11.54
CA ALA B 136 3.09 30.75 11.47
C ALA B 136 3.55 30.27 12.86
N PRO B 137 3.28 28.99 13.18
CA PRO B 137 3.71 28.41 14.47
C PRO B 137 5.20 28.53 14.71
N ARG B 138 5.56 29.13 15.85
CA ARG B 138 6.93 29.54 16.15
C ARG B 138 7.90 28.37 16.36
N GLN B 139 7.38 27.28 16.94
CA GLN B 139 8.19 26.07 17.16
C GLN B 139 8.30 25.20 15.91
N GLY B 140 7.55 25.55 14.87
CA GLY B 140 7.55 24.78 13.62
C GLY B 140 8.93 24.61 13.01
N LEU B 141 9.21 23.42 12.48
CA LEU B 141 10.53 23.10 11.92
C LEU B 141 10.84 23.84 10.63
N LEU B 142 9.80 24.39 10.01
CA LEU B 142 9.95 25.19 8.79
C LEU B 142 9.44 26.62 9.00
N TYR B 143 9.55 27.11 10.23
CA TYR B 143 9.09 28.46 10.58
C TYR B 143 9.57 29.52 9.59
N GLY B 144 8.62 30.17 8.93
CA GLY B 144 8.90 31.29 8.04
C GLY B 144 9.54 30.95 6.71
N VAL B 145 9.55 29.67 6.35
CA VAL B 145 10.11 29.23 5.06
C VAL B 145 9.04 29.34 3.96
N PRO B 146 9.29 30.17 2.93
CA PRO B 146 8.40 30.19 1.78
C PRO B 146 8.56 28.92 0.96
N VAL B 147 7.42 28.31 0.59
CA VAL B 147 7.42 27.03 -0.13
C VAL B 147 6.59 27.14 -1.42
N SER B 148 7.17 26.70 -2.53
CA SER B 148 6.45 26.68 -3.80
C SER B 148 5.76 25.34 -4.00
N LEU B 149 4.58 25.38 -4.61
CA LEU B 149 3.75 24.20 -4.78
C LEU B 149 3.41 23.99 -6.24
N LYS B 150 3.64 22.77 -6.73
CA LYS B 150 3.17 22.35 -8.05
C LYS B 150 1.66 22.55 -8.08
N GLU B 151 1.12 22.97 -9.22
CA GLU B 151 -0.29 23.36 -9.32
C GLU B 151 -1.29 22.31 -8.83
N CYS B 152 -0.90 21.03 -8.88
CA CYS B 152 -1.79 19.93 -8.49
C CYS B 152 -2.00 19.78 -6.99
N PHE B 153 -1.19 20.50 -6.20
CA PHE B 153 -1.38 20.52 -4.75
C PHE B 153 -2.52 21.50 -4.40
N SER B 154 -3.69 20.94 -4.10
CA SER B 154 -4.89 21.75 -3.91
CA SER B 154 -4.90 21.73 -3.88
C SER B 154 -4.74 22.72 -2.73
N TYR B 155 -5.10 23.96 -3.01
CA TYR B 155 -4.97 25.05 -2.07
C TYR B 155 -6.28 25.81 -2.10
N LYS B 156 -6.88 25.98 -0.92
CA LYS B 156 -8.19 26.64 -0.76
C LYS B 156 -8.29 27.94 -1.55
N GLY B 157 -9.35 28.05 -2.36
CA GLY B 157 -9.62 29.27 -3.12
C GLY B 157 -8.89 29.38 -4.44
N HIS B 158 -8.13 28.34 -4.80
CA HIS B 158 -7.36 28.36 -6.04
C HIS B 158 -7.69 27.15 -6.93
N ASP B 159 -7.66 27.38 -8.24
CA ASP B 159 -7.77 26.31 -9.22
C ASP B 159 -6.56 25.39 -9.16
N SER B 160 -6.79 24.11 -9.47
CA SER B 160 -5.73 23.20 -9.87
C SER B 160 -6.10 22.71 -11.28
N THR B 161 -5.78 23.54 -12.28
CA THR B 161 -6.24 23.36 -13.65
C THR B 161 -5.63 22.16 -14.36
N LEU B 162 -4.35 21.90 -14.09
CA LEU B 162 -3.52 20.96 -14.86
C LEU B 162 -3.48 21.35 -16.36
N GLY B 163 -3.64 22.64 -16.63
CA GLY B 163 -3.69 23.16 -18.01
C GLY B 163 -4.89 22.71 -18.82
N LEU B 164 -5.96 22.29 -18.13
CA LEU B 164 -7.17 21.77 -18.76
C LEU B 164 -8.34 22.71 -18.56
N SER B 165 -9.04 23.03 -19.66
CA SER B 165 -10.22 23.91 -19.60
C SER B 165 -11.28 23.46 -18.60
N LEU B 166 -11.52 22.16 -18.50
CA LEU B 166 -12.58 21.65 -17.62
C LEU B 166 -12.35 21.92 -16.13
N ASN B 167 -11.09 22.18 -15.76
CA ASN B 167 -10.74 22.46 -14.38
C ASN B 167 -10.60 23.96 -14.07
N GLU B 168 -10.81 24.79 -15.10
CA GLU B 168 -10.72 26.24 -14.92
C GLU B 168 -12.00 26.75 -14.26
N GLY B 169 -11.85 27.67 -13.32
CA GLY B 169 -12.98 28.23 -12.58
C GLY B 169 -13.67 27.22 -11.67
N MET B 170 -12.87 26.31 -11.09
CA MET B 170 -13.34 25.30 -10.14
C MET B 170 -12.39 25.32 -8.95
N PRO B 171 -12.41 26.40 -8.14
CA PRO B 171 -11.37 26.46 -7.12
C PRO B 171 -11.54 25.38 -6.04
N SER B 172 -10.42 24.97 -5.47
CA SER B 172 -10.41 24.03 -4.36
C SER B 172 -11.05 24.66 -3.12
N GLU B 173 -11.70 23.84 -2.31
CA GLU B 173 -12.39 24.33 -1.12
C GLU B 173 -11.67 23.99 0.19
N SER B 174 -10.55 23.27 0.07
CA SER B 174 -9.64 23.08 1.20
C SER B 174 -8.19 22.84 0.73
N ASP B 175 -7.24 23.09 1.62
CA ASP B 175 -5.84 22.74 1.39
C ASP B 175 -5.71 21.23 1.45
N CYS B 176 -4.88 20.66 0.57
CA CYS B 176 -4.55 19.23 0.66
C CYS B 176 -3.76 18.96 1.95
N VAL B 177 -3.64 17.69 2.31
CA VAL B 177 -3.03 17.32 3.59
C VAL B 177 -1.59 17.82 3.75
N VAL B 178 -0.72 17.57 2.76
CA VAL B 178 0.68 17.99 2.89
C VAL B 178 0.82 19.51 3.04
N VAL B 179 -0.13 20.26 2.48
CA VAL B 179 -0.13 21.71 2.60
C VAL B 179 -0.48 22.11 4.04
N GLN B 180 -1.50 21.43 4.59
CA GLN B 180 -1.88 21.63 5.99
C GLN B 180 -0.71 21.39 6.93
N VAL B 181 0.01 20.29 6.74
CA VAL B 181 1.16 20.00 7.61
C VAL B 181 2.34 20.96 7.40
N LEU B 182 2.58 21.40 6.17
CA LEU B 182 3.57 22.46 5.92
C LEU B 182 3.28 23.70 6.77
N LYS B 183 2.03 24.15 6.74
CA LYS B 183 1.57 25.29 7.53
C LYS B 183 1.68 25.07 9.05
N LEU B 184 1.35 23.87 9.50
CA LEU B 184 1.48 23.52 10.92
C LEU B 184 2.95 23.47 11.35
N GLN B 185 3.85 23.28 10.37
CA GLN B 185 5.29 23.33 10.62
C GLN B 185 5.88 24.73 10.40
N GLY B 186 5.01 25.72 10.22
CA GLY B 186 5.43 27.11 10.09
C GLY B 186 5.84 27.58 8.71
N ALA B 187 5.79 26.68 7.73
CA ALA B 187 6.10 27.03 6.35
C ALA B 187 4.99 27.92 5.76
N VAL B 188 5.34 28.67 4.72
CA VAL B 188 4.41 29.58 4.06
C VAL B 188 4.37 29.30 2.55
N PRO B 189 3.43 28.45 2.11
CA PRO B 189 3.22 28.24 0.67
C PRO B 189 2.83 29.56 -0.01
N PHE B 190 3.53 29.92 -1.09
CA PHE B 190 3.36 31.24 -1.67
C PHE B 190 2.94 31.30 -3.14
N VAL B 191 3.27 30.26 -3.91
CA VAL B 191 2.90 30.18 -5.33
C VAL B 191 2.48 28.81 -5.80
N HIS B 192 1.61 28.79 -6.81
CA HIS B 192 1.37 27.61 -7.64
C HIS B 192 2.25 27.68 -8.89
N THR B 193 2.88 26.57 -9.25
CA THR B 193 3.79 26.55 -10.41
C THR B 193 3.29 25.68 -11.57
N ASN B 194 3.74 26.00 -12.77
CA ASN B 194 3.21 25.45 -14.02
C ASN B 194 3.55 23.98 -14.26
N VAL B 195 2.66 23.31 -15.00
CA VAL B 195 2.78 21.89 -15.35
C VAL B 195 2.39 21.72 -16.83
N PRO B 196 2.90 20.66 -17.49
CA PRO B 196 2.39 20.39 -18.84
C PRO B 196 0.94 19.94 -18.80
N GLN B 197 0.21 20.16 -19.88
CA GLN B 197 -1.22 19.82 -19.96
C GLN B 197 -1.49 18.39 -19.49
N SER B 198 -2.37 18.29 -18.49
CA SER B 198 -2.80 17.01 -17.89
CA SER B 198 -2.81 17.03 -17.87
C SER B 198 -1.72 16.27 -17.11
N MET B 199 -0.51 16.84 -17.07
CA MET B 199 0.62 16.31 -16.29
C MET B 199 1.27 15.01 -16.78
N LEU B 200 0.91 14.50 -17.94
CA LEU B 200 1.65 13.33 -18.45
C LEU B 200 2.56 13.65 -19.62
N SER B 201 3.65 14.30 -19.25
CA SER B 201 4.65 14.81 -20.15
C SER B 201 5.81 15.19 -19.27
N PHE B 202 7.04 15.03 -19.77
CA PHE B 202 8.17 15.61 -19.06
C PHE B 202 8.69 16.88 -19.74
N ASP B 203 7.79 17.53 -20.46
CA ASP B 203 7.95 18.92 -20.88
C ASP B 203 7.09 19.77 -19.94
N CYS B 204 6.84 21.03 -20.27
CA CYS B 204 6.07 21.90 -19.37
C CYS B 204 5.31 23.04 -20.06
N SER B 205 4.30 22.67 -20.85
CA SER B 205 3.45 23.66 -21.52
C SER B 205 1.99 23.23 -21.52
N ASN B 206 1.09 24.20 -21.41
CA ASN B 206 -0.34 23.97 -21.56
C ASN B 206 -1.05 25.17 -22.20
N PRO B 207 -2.25 24.95 -22.78
CA PRO B 207 -2.94 26.03 -23.50
C PRO B 207 -3.44 27.17 -22.62
N LEU B 208 -3.38 27.01 -21.31
CA LEU B 208 -3.90 27.99 -20.37
C LEU B 208 -2.85 29.04 -19.94
N PHE B 209 -1.77 28.57 -19.32
CA PHE B 209 -0.72 29.46 -18.83
C PHE B 209 0.50 29.48 -19.76
N GLY B 210 0.45 28.67 -20.81
CA GLY B 210 1.53 28.60 -21.79
C GLY B 210 2.75 27.78 -21.39
N GLN B 211 3.88 28.17 -21.95
CA GLN B 211 5.10 27.38 -21.94
C GLN B 211 6.09 27.85 -20.87
N THR B 212 6.55 26.92 -20.05
CA THR B 212 7.63 27.21 -19.09
C THR B 212 8.98 26.93 -19.73
N MET B 213 9.95 27.80 -19.47
CA MET B 213 11.29 27.67 -20.05
C MET B 213 12.34 27.37 -18.99
N ASN B 214 13.36 26.60 -19.38
CA ASN B 214 14.52 26.35 -18.55
C ASN B 214 15.26 27.68 -18.30
N PRO B 215 15.56 27.98 -17.01
CA PRO B 215 16.26 29.22 -16.64
C PRO B 215 17.71 29.32 -17.14
N TRP B 216 18.33 28.18 -17.45
CA TRP B 216 19.70 28.17 -17.98
C TRP B 216 19.76 28.48 -19.49
N LYS B 217 18.66 28.19 -20.20
CA LYS B 217 18.62 28.32 -21.65
C LYS B 217 17.17 28.33 -22.14
N SER B 218 16.78 29.45 -22.76
CA SER B 218 15.39 29.69 -23.15
CA SER B 218 15.39 29.70 -23.16
C SER B 218 14.83 28.69 -24.16
N SER B 219 15.70 28.09 -24.96
CA SER B 219 15.27 27.12 -25.95
C SER B 219 15.10 25.71 -25.38
N LYS B 220 15.47 25.53 -24.11
CA LYS B 220 15.41 24.20 -23.49
C LYS B 220 14.18 24.02 -22.62
N SER B 221 13.67 22.80 -22.56
CA SER B 221 12.62 22.43 -21.60
C SER B 221 13.15 22.48 -20.17
N PRO B 222 12.30 22.89 -19.21
CA PRO B 222 12.68 22.81 -17.79
C PRO B 222 12.47 21.40 -17.24
N GLY B 223 11.97 20.50 -18.08
CA GLY B 223 11.52 19.20 -17.63
C GLY B 223 10.10 19.28 -17.13
N GLY B 224 9.62 18.18 -16.57
CA GLY B 224 8.24 18.10 -16.09
C GLY B 224 7.90 16.70 -15.61
N SER B 225 6.69 16.47 -15.12
CA SER B 225 5.62 17.47 -15.05
C SER B 225 5.77 18.55 -13.97
N SER B 226 6.70 18.37 -13.03
CA SER B 226 6.97 19.42 -12.03
C SER B 226 7.92 20.48 -12.58
N GLY B 227 7.68 20.93 -13.81
CA GLY B 227 8.58 21.85 -14.50
C GLY B 227 8.70 23.24 -13.91
N GLY B 228 7.57 23.81 -13.50
CA GLY B 228 7.56 25.14 -12.89
C GLY B 228 8.40 25.17 -11.64
N GLU B 229 8.30 24.10 -10.84
CA GLU B 229 9.11 23.94 -9.64
C GLU B 229 10.59 23.92 -10.01
N GLY B 230 10.93 23.14 -11.04
CA GLY B 230 12.30 23.09 -11.55
C GLY B 230 12.84 24.47 -11.90
N ALA B 231 12.05 25.23 -12.65
CA ALA B 231 12.50 26.54 -13.12
C ALA B 231 12.60 27.56 -11.98
N LEU B 232 11.62 27.55 -11.07
CA LEU B 232 11.61 28.50 -9.97
C LEU B 232 12.78 28.26 -9.00
N ILE B 233 12.92 27.03 -8.53
CA ILE B 233 13.99 26.67 -7.57
C ILE B 233 15.36 26.78 -8.24
N GLY B 234 15.45 26.33 -9.48
CA GLY B 234 16.70 26.32 -10.25
C GLY B 234 17.28 27.70 -10.50
N SER B 235 16.44 28.73 -10.48
CA SER B 235 16.90 30.10 -10.70
C SER B 235 16.95 30.92 -9.41
N GLY B 236 16.69 30.26 -8.28
CA GLY B 236 16.79 30.88 -6.97
C GLY B 236 15.54 31.54 -6.39
N GLY B 237 14.40 31.31 -7.03
CA GLY B 237 13.14 31.97 -6.64
C GLY B 237 12.32 31.28 -5.55
N SER B 238 12.77 30.11 -5.10
CA SER B 238 12.13 29.35 -4.02
C SER B 238 13.16 28.42 -3.37
N PRO B 239 13.23 28.39 -2.02
CA PRO B 239 14.23 27.55 -1.34
C PRO B 239 13.81 26.07 -1.22
N LEU B 240 12.54 25.79 -1.46
CA LEU B 240 11.97 24.48 -1.24
C LEU B 240 10.62 24.37 -1.96
N GLY B 241 10.40 23.27 -2.65
CA GLY B 241 9.14 23.04 -3.34
C GLY B 241 8.65 21.61 -3.21
N LEU B 242 7.39 21.40 -3.59
CA LEU B 242 6.80 20.06 -3.64
C LEU B 242 6.40 19.74 -5.07
N GLY B 243 6.68 18.50 -5.49
CA GLY B 243 6.27 18.00 -6.81
C GLY B 243 5.66 16.61 -6.70
N THR B 244 5.20 16.08 -7.83
CA THR B 244 4.70 14.71 -7.92
C THR B 244 5.41 13.95 -9.03
N ASP B 245 5.35 12.62 -8.98
CA ASP B 245 6.15 11.75 -9.85
C ASP B 245 5.45 10.41 -10.04
N ILE B 246 5.09 10.10 -11.29
CA ILE B 246 4.56 8.77 -11.64
C ILE B 246 5.38 8.10 -12.75
N GLY B 247 6.22 8.90 -13.40
CA GLY B 247 7.08 8.40 -14.46
C GLY B 247 8.41 9.12 -14.51
N GLY B 248 8.64 10.01 -13.53
CA GLY B 248 9.87 10.81 -13.46
C GLY B 248 9.65 12.29 -13.19
N SER B 249 8.40 12.69 -12.91
CA SER B 249 8.02 14.12 -12.85
C SER B 249 8.61 14.98 -11.73
N ILE B 250 9.29 14.37 -10.76
CA ILE B 250 10.13 15.13 -9.83
C ILE B 250 11.57 15.14 -10.34
N ARG B 251 11.99 14.01 -10.89
CA ARG B 251 13.40 13.80 -11.21
C ARG B 251 13.83 14.49 -12.51
N PHE B 252 13.00 14.43 -13.55
CA PHE B 252 13.27 15.16 -14.80
C PHE B 252 13.52 16.65 -14.59
N PRO B 253 12.57 17.38 -13.96
CA PRO B 253 12.81 18.82 -13.85
C PRO B 253 13.96 19.17 -12.90
N SER B 254 14.16 18.36 -11.87
CA SER B 254 15.30 18.56 -10.97
C SER B 254 16.63 18.44 -11.72
N ALA B 255 16.77 17.38 -12.51
CA ALA B 255 17.96 17.16 -13.32
C ALA B 255 18.17 18.24 -14.38
N PHE B 256 17.10 18.60 -15.08
CA PHE B 256 17.17 19.57 -16.19
C PHE B 256 17.52 20.97 -15.70
N CYS B 257 17.06 21.30 -14.50
CA CYS B 257 17.25 22.65 -13.92
C CYS B 257 18.34 22.73 -12.87
N GLY B 258 19.02 21.62 -12.61
CA GLY B 258 20.20 21.62 -11.72
C GLY B 258 19.87 21.82 -10.26
N ILE B 259 18.88 21.07 -9.79
CA ILE B 259 18.51 21.06 -8.38
C ILE B 259 18.34 19.60 -7.90
N CYS B 260 18.16 19.42 -6.59
CA CYS B 260 17.92 18.12 -5.99
C CYS B 260 16.42 17.83 -5.89
N GLY B 261 16.05 16.57 -6.04
CA GLY B 261 14.67 16.15 -5.86
C GLY B 261 14.61 14.71 -5.38
N LEU B 262 13.60 14.37 -4.60
CA LEU B 262 13.41 13.00 -4.12
C LEU B 262 12.00 12.51 -4.38
N LYS B 263 11.91 11.35 -5.04
CA LYS B 263 10.64 10.63 -5.22
C LYS B 263 10.60 9.47 -4.22
N PRO B 264 9.88 9.64 -3.10
CA PRO B 264 9.74 8.59 -2.09
C PRO B 264 8.91 7.41 -2.58
N THR B 265 8.88 6.35 -1.77
CA THR B 265 7.90 5.27 -1.93
C THR B 265 6.52 5.91 -2.02
N GLY B 266 5.68 5.36 -2.89
CA GLY B 266 4.37 5.95 -3.18
C GLY B 266 3.57 6.41 -1.98
N ASN B 267 3.47 5.56 -0.96
CA ASN B 267 2.67 5.87 0.24
C ASN B 267 3.46 6.38 1.46
N ARG B 268 4.70 6.81 1.28
CA ARG B 268 5.44 7.43 2.39
C ARG B 268 4.82 8.76 2.84
N LEU B 269 4.18 9.46 1.90
CA LEU B 269 3.52 10.74 2.19
C LEU B 269 2.09 10.72 1.71
N SER B 270 1.27 11.61 2.26
CA SER B 270 -0.16 11.67 1.93
C SER B 270 -0.48 12.24 0.55
N LYS B 271 -1.29 11.50 -0.21
CA LYS B 271 -1.80 11.95 -1.50
C LYS B 271 -3.18 12.60 -1.39
N SER B 272 -3.70 12.66 -0.17
CA SER B 272 -5.04 13.19 0.08
C SER B 272 -5.16 14.65 -0.34
N GLY B 273 -6.08 14.91 -1.27
CA GLY B 273 -6.32 16.26 -1.77
C GLY B 273 -5.48 16.65 -2.97
N LEU B 274 -4.71 15.70 -3.49
CA LEU B 274 -3.95 15.94 -4.72
C LEU B 274 -4.89 15.88 -5.92
N LYS B 275 -4.72 16.84 -6.83
CA LYS B 275 -5.49 16.86 -8.06
C LYS B 275 -4.77 16.05 -9.13
N GLY B 276 -5.52 15.19 -9.82
CA GLY B 276 -4.97 14.37 -10.92
C GLY B 276 -5.95 14.25 -12.09
N CYS B 277 -5.46 13.75 -13.22
CA CYS B 277 -6.28 13.52 -14.41
CA CYS B 277 -6.32 13.55 -14.38
C CYS B 277 -7.07 12.22 -14.33
N VAL B 278 -6.42 11.20 -13.78
CA VAL B 278 -7.00 9.86 -13.61
C VAL B 278 -6.87 9.41 -12.15
N TYR B 279 -7.95 8.88 -11.57
CA TYR B 279 -7.93 8.32 -10.22
C TYR B 279 -8.20 6.82 -10.19
N GLY B 280 -7.56 6.13 -9.25
CA GLY B 280 -7.80 4.71 -9.05
C GLY B 280 -6.83 3.77 -9.76
N GLN B 281 -5.80 4.34 -10.40
CA GLN B 281 -4.75 3.55 -11.02
C GLN B 281 -3.67 3.30 -9.96
N THR B 282 -3.47 2.04 -9.61
CA THR B 282 -2.55 1.70 -8.52
C THR B 282 -1.41 0.76 -8.91
N ALA B 283 -1.38 0.32 -10.16
CA ALA B 283 -0.32 -0.57 -10.64
C ALA B 283 1.05 0.12 -10.66
N VAL B 284 1.09 1.34 -11.21
CA VAL B 284 2.29 2.15 -11.19
C VAL B 284 2.06 3.30 -10.21
N GLN B 285 2.84 3.29 -9.14
CA GLN B 285 2.63 4.18 -8.00
C GLN B 285 2.97 5.62 -8.28
N LEU B 286 2.07 6.51 -7.89
CA LEU B 286 2.31 7.95 -7.87
C LEU B 286 2.96 8.32 -6.53
N SER B 287 3.88 9.27 -6.57
CA SER B 287 4.55 9.77 -5.37
CA SER B 287 4.52 9.77 -5.37
C SER B 287 4.61 11.29 -5.38
N LEU B 288 4.75 11.86 -4.19
CA LEU B 288 4.98 13.29 -4.05
C LEU B 288 6.25 13.44 -3.22
N GLY B 289 6.96 14.54 -3.40
CA GLY B 289 8.20 14.73 -2.68
C GLY B 289 8.80 16.11 -2.83
N PRO B 290 9.86 16.39 -2.06
CA PRO B 290 10.50 17.69 -2.03
C PRO B 290 11.44 17.91 -3.24
N MET B 291 11.59 19.18 -3.60
CA MET B 291 12.56 19.63 -4.58
C MET B 291 13.26 20.85 -3.97
N ALA B 292 14.59 20.90 -4.07
CA ALA B 292 15.37 21.95 -3.41
C ALA B 292 16.79 22.08 -3.99
N ARG B 293 17.57 23.02 -3.43
CA ARG B 293 18.92 23.33 -3.93
C ARG B 293 20.02 22.40 -3.41
N ASP B 294 19.74 21.72 -2.30
CA ASP B 294 20.69 20.78 -1.72
C ASP B 294 19.97 19.60 -1.08
N VAL B 295 20.73 18.55 -0.74
CA VAL B 295 20.17 17.33 -0.16
C VAL B 295 19.59 17.57 1.23
N GLU B 296 20.28 18.39 2.02
CA GLU B 296 19.88 18.70 3.40
C GLU B 296 18.47 19.30 3.45
N SER B 297 18.16 20.15 2.46
CA SER B 297 16.84 20.77 2.34
C SER B 297 15.73 19.73 2.13
N LEU B 298 16.02 18.71 1.32
CA LEU B 298 15.08 17.61 1.09
C LEU B 298 14.86 16.82 2.37
N ALA B 299 15.95 16.55 3.10
CA ALA B 299 15.90 15.80 4.34
C ALA B 299 15.10 16.54 5.40
N LEU B 300 15.34 17.85 5.51
CA LEU B 300 14.63 18.73 6.45
C LEU B 300 13.13 18.72 6.16
N CYS B 301 12.77 18.88 4.89
CA CYS B 301 11.37 18.87 4.45
C CYS B 301 10.73 17.51 4.72
N LEU B 302 11.46 16.43 4.46
CA LEU B 302 10.95 15.10 4.71
C LEU B 302 10.71 14.89 6.21
N LYS B 303 11.67 15.32 7.03
CA LYS B 303 11.53 15.22 8.47
C LYS B 303 10.34 16.03 9.00
N ALA B 304 10.17 17.24 8.47
CA ALA B 304 9.07 18.12 8.86
C ALA B 304 7.68 17.54 8.52
N LEU B 305 7.59 16.93 7.33
CA LEU B 305 6.36 16.28 6.87
C LEU B 305 6.02 15.03 7.68
N LEU B 306 7.05 14.26 8.02
CA LEU B 306 6.90 12.99 8.71
C LEU B 306 6.64 13.17 10.21
N CYS B 307 5.55 13.85 10.54
CA CYS B 307 5.25 14.22 11.92
C CYS B 307 3.85 13.75 12.32
N GLU B 308 3.52 13.87 13.61
CA GLU B 308 2.20 13.50 14.14
C GLU B 308 1.03 14.11 13.34
N HIS B 309 1.18 15.38 12.92
CA HIS B 309 0.13 16.06 12.16
C HIS B 309 -0.23 15.31 10.87
N LEU B 310 0.78 14.92 10.11
CA LEU B 310 0.55 14.15 8.87
C LEU B 310 -0.13 12.82 9.17
N PHE B 311 0.46 12.07 10.11
CA PHE B 311 -0.05 10.73 10.45
C PHE B 311 -1.47 10.74 11.01
N THR B 312 -1.85 11.85 11.63
CA THR B 312 -3.20 12.05 12.16
C THR B 312 -4.17 12.50 11.06
N LEU B 313 -3.75 13.46 10.24
CA LEU B 313 -4.58 13.99 9.16
C LEU B 313 -4.81 12.98 8.02
N ASP B 314 -3.86 12.06 7.82
CA ASP B 314 -4.08 10.92 6.92
C ASP B 314 -3.58 9.62 7.55
N PRO B 315 -4.47 8.92 8.28
CA PRO B 315 -4.16 7.63 8.91
C PRO B 315 -3.80 6.52 7.93
N THR B 316 -4.07 6.72 6.64
CA THR B 316 -3.73 5.71 5.62
C THR B 316 -2.24 5.66 5.35
N VAL B 317 -1.52 6.71 5.73
CA VAL B 317 -0.07 6.76 5.57
C VAL B 317 0.58 6.06 6.77
N PRO B 318 1.48 5.10 6.51
CA PRO B 318 2.13 4.39 7.63
C PRO B 318 2.95 5.38 8.47
N PRO B 319 2.77 5.36 9.81
CA PRO B 319 3.41 6.36 10.65
C PRO B 319 4.91 6.08 10.88
N LEU B 320 5.68 6.17 9.81
CA LEU B 320 7.12 5.93 9.83
C LEU B 320 7.87 7.25 10.07
N PRO B 321 8.42 7.44 11.29
CA PRO B 321 9.12 8.69 11.55
C PRO B 321 10.41 8.76 10.75
N PHE B 322 10.89 9.97 10.50
CA PHE B 322 12.18 10.16 9.85
C PHE B 322 13.27 9.60 10.75
N ARG B 323 13.99 8.59 10.26
CA ARG B 323 15.05 7.99 11.05
C ARG B 323 16.38 8.70 10.79
N GLU B 324 16.67 9.65 11.66
CA GLU B 324 17.87 10.48 11.59
C GLU B 324 19.15 9.61 11.58
N GLU B 325 19.14 8.52 12.33
CA GLU B 325 20.31 7.64 12.42
C GLU B 325 20.72 7.07 11.07
N VAL B 326 19.74 6.77 10.23
CA VAL B 326 19.99 6.22 8.91
C VAL B 326 20.51 7.30 7.95
N TYR B 327 19.87 8.47 7.95
CA TYR B 327 20.27 9.57 7.07
C TYR B 327 21.69 10.08 7.37
N ARG B 328 22.10 10.04 8.64
CA ARG B 328 23.38 10.61 9.04
C ARG B 328 24.52 9.60 9.06
N SER B 329 24.20 8.35 8.73
CA SER B 329 25.18 7.26 8.69
C SER B 329 26.39 7.59 7.82
N SER B 330 27.58 7.24 8.29
CA SER B 330 28.80 7.42 7.51
C SER B 330 29.48 6.09 7.23
N ARG B 331 28.75 5.00 7.45
CA ARG B 331 29.21 3.65 7.15
C ARG B 331 29.46 3.49 5.65
N PRO B 332 30.54 2.78 5.26
CA PRO B 332 30.73 2.53 3.83
C PRO B 332 29.57 1.74 3.24
N LEU B 333 29.26 2.01 1.97
CA LEU B 333 28.09 1.47 1.31
C LEU B 333 28.45 0.45 0.25
N ARG B 334 27.60 -0.56 0.11
CA ARG B 334 27.63 -1.43 -1.04
C ARG B 334 26.70 -0.84 -2.11
N VAL B 335 27.32 -0.31 -3.16
CA VAL B 335 26.63 0.48 -4.18
C VAL B 335 26.57 -0.29 -5.50
N GLY B 336 25.38 -0.71 -5.88
CA GLY B 336 25.13 -1.22 -7.23
C GLY B 336 25.17 -0.06 -8.20
N TYR B 337 25.60 -0.31 -9.44
CA TYR B 337 25.66 0.74 -10.45
C TYR B 337 25.56 0.19 -11.87
N TYR B 338 24.90 0.95 -12.74
CA TYR B 338 25.04 0.78 -14.18
C TYR B 338 25.24 2.13 -14.84
N GLU B 339 26.00 2.15 -15.94
CA GLU B 339 26.22 3.39 -16.68
C GLU B 339 25.34 3.51 -17.92
N THR B 340 24.60 2.44 -18.21
CA THR B 340 23.56 2.41 -19.25
C THR B 340 22.50 1.35 -18.91
N ASP B 341 21.27 1.57 -19.34
CA ASP B 341 20.23 0.57 -19.14
C ASP B 341 19.97 -0.26 -20.38
N ASN B 342 20.81 -0.03 -21.40
CA ASN B 342 20.69 -0.68 -22.71
C ASN B 342 19.36 -0.44 -23.41
N TYR B 343 18.66 0.59 -22.96
CA TYR B 343 17.41 0.98 -23.56
C TYR B 343 17.51 2.40 -24.13
N THR B 344 17.84 3.36 -23.27
CA THR B 344 18.14 4.70 -23.69
C THR B 344 19.65 4.86 -23.59
N MET B 345 20.31 5.15 -24.73
CA MET B 345 21.74 5.39 -24.72
C MET B 345 21.98 6.69 -23.97
N PRO B 346 22.86 6.66 -22.96
CA PRO B 346 23.16 7.89 -22.25
C PRO B 346 23.90 8.88 -23.15
N SER B 347 23.68 10.17 -22.93
CA SER B 347 24.50 11.19 -23.57
C SER B 347 25.91 11.07 -23.01
N PRO B 348 26.94 11.59 -23.73
CA PRO B 348 28.29 11.59 -23.16
C PRO B 348 28.35 12.26 -21.79
N ALA B 349 27.62 13.36 -21.62
CA ALA B 349 27.53 14.06 -20.34
C ALA B 349 26.98 13.17 -19.21
N MET B 350 25.90 12.44 -19.50
CA MET B 350 25.31 11.46 -18.57
C MET B 350 26.31 10.39 -18.15
N ARG B 351 27.00 9.81 -19.14
CA ARG B 351 27.93 8.71 -18.90
C ARG B 351 29.11 9.15 -18.04
N ARG B 352 29.67 10.33 -18.36
CA ARG B 352 30.77 10.92 -17.61
C ARG B 352 30.35 11.24 -16.17
N ALA B 353 29.18 11.85 -16.01
CA ALA B 353 28.62 12.12 -14.69
C ALA B 353 28.59 10.84 -13.86
N LEU B 354 28.11 9.76 -14.45
CA LEU B 354 27.99 8.48 -13.75
C LEU B 354 29.34 7.90 -13.38
N ILE B 355 30.24 7.78 -14.36
CA ILE B 355 31.59 7.23 -14.13
C ILE B 355 32.37 8.03 -13.08
N GLU B 356 32.30 9.36 -13.17
CA GLU B 356 33.00 10.23 -12.23
C GLU B 356 32.54 10.07 -10.78
N THR B 357 31.23 9.99 -10.56
CA THR B 357 30.75 9.76 -9.20
C THR B 357 31.03 8.34 -8.70
N LYS B 358 30.97 7.37 -9.62
CA LYS B 358 31.40 6.00 -9.33
C LYS B 358 32.83 6.01 -8.79
N GLN B 359 33.73 6.68 -9.53
CA GLN B 359 35.14 6.80 -9.15
C GLN B 359 35.34 7.50 -7.81
N ARG B 360 34.63 8.61 -7.61
CA ARG B 360 34.72 9.35 -6.35
C ARG B 360 34.17 8.57 -5.16
N LEU B 361 33.11 7.79 -5.36
CA LEU B 361 32.57 6.92 -4.31
C LEU B 361 33.56 5.80 -3.98
N GLU B 362 34.23 5.26 -5.00
CA GLU B 362 35.28 4.25 -4.79
C GLU B 362 36.43 4.80 -3.97
N ALA B 363 36.92 5.99 -4.35
CA ALA B 363 38.02 6.64 -3.65
C ALA B 363 37.67 6.93 -2.19
N ALA B 364 36.38 7.14 -1.94
CA ALA B 364 35.90 7.41 -0.58
C ALA B 364 35.73 6.12 0.26
N GLY B 365 35.98 4.95 -0.33
CA GLY B 365 35.95 3.69 0.41
C GLY B 365 34.71 2.81 0.25
N HIS B 366 33.79 3.23 -0.62
CA HIS B 366 32.59 2.45 -0.91
C HIS B 366 32.84 1.33 -1.91
N THR B 367 32.04 0.27 -1.81
CA THR B 367 32.15 -0.87 -2.70
C THR B 367 31.19 -0.73 -3.89
N LEU B 368 31.73 -0.59 -5.09
CA LEU B 368 30.92 -0.45 -6.31
C LEU B 368 30.76 -1.76 -7.07
N ILE B 369 29.50 -2.16 -7.26
CA ILE B 369 29.18 -3.47 -7.80
C ILE B 369 28.31 -3.33 -9.05
N PRO B 370 28.76 -3.88 -10.19
CA PRO B 370 27.92 -3.85 -11.39
C PRO B 370 26.57 -4.51 -11.13
N PHE B 371 25.49 -3.84 -11.52
CA PHE B 371 24.13 -4.29 -11.22
C PHE B 371 23.14 -3.67 -12.19
N LEU B 372 22.35 -4.51 -12.83
CA LEU B 372 21.28 -4.07 -13.71
C LEU B 372 19.99 -4.84 -13.40
N PRO B 373 18.92 -4.12 -13.01
CA PRO B 373 17.62 -4.76 -12.84
C PRO B 373 17.27 -5.59 -14.06
N ASN B 374 16.84 -6.83 -13.85
CA ASN B 374 16.54 -7.74 -14.96
C ASN B 374 15.38 -7.24 -15.81
N ASN B 375 15.31 -7.72 -17.05
CA ASN B 375 14.14 -7.50 -17.91
C ASN B 375 13.60 -6.07 -17.99
N ILE B 376 14.50 -5.10 -18.12
CA ILE B 376 14.11 -3.70 -18.27
C ILE B 376 13.14 -3.44 -19.45
N PRO B 377 13.45 -3.98 -20.66
CA PRO B 377 12.50 -3.70 -21.76
C PRO B 377 11.06 -4.15 -21.42
N TYR B 378 10.92 -5.32 -20.83
CA TYR B 378 9.63 -5.84 -20.39
C TYR B 378 8.96 -4.94 -19.35
N ALA B 379 9.74 -4.51 -18.35
CA ALA B 379 9.24 -3.66 -17.27
C ALA B 379 8.72 -2.31 -17.75
N LEU B 380 9.35 -1.78 -18.79
CA LEU B 380 8.94 -0.52 -19.39
C LEU B 380 7.78 -0.70 -20.36
N GLU B 381 7.97 -1.61 -21.31
CA GLU B 381 7.06 -1.74 -22.46
C GLU B 381 5.70 -2.37 -22.14
N VAL B 382 5.69 -3.37 -21.26
CA VAL B 382 4.43 -4.01 -20.88
C VAL B 382 3.94 -3.67 -19.47
N LEU B 383 4.83 -3.67 -18.49
CA LEU B 383 4.43 -3.37 -17.11
C LEU B 383 4.12 -1.88 -16.90
N SER B 384 5.09 -1.00 -17.18
CA SER B 384 4.91 0.44 -16.99
C SER B 384 3.88 1.05 -17.94
N ALA B 385 4.08 0.87 -19.24
CA ALA B 385 3.14 1.40 -20.24
C ALA B 385 1.72 0.85 -20.03
N GLY B 386 1.63 -0.45 -19.75
CA GLY B 386 0.35 -1.11 -19.52
C GLY B 386 -0.31 -0.74 -18.20
N GLY B 387 0.51 -0.46 -17.19
CA GLY B 387 0.02 0.05 -15.92
C GLY B 387 -0.61 1.43 -16.05
N LEU B 388 0.04 2.31 -16.80
CA LEU B 388 -0.42 3.69 -16.94
C LEU B 388 -1.63 3.82 -17.85
N PHE B 389 -1.77 2.86 -18.77
CA PHE B 389 -2.78 2.92 -19.82
C PHE B 389 -3.66 1.67 -19.93
N SER B 390 -3.96 1.07 -18.78
CA SER B 390 -4.76 -0.16 -18.72
C SER B 390 -6.12 -0.04 -19.39
N ASP B 391 -6.70 1.16 -19.34
CA ASP B 391 -8.00 1.42 -19.95
C ASP B 391 -7.89 1.99 -21.37
N GLY B 392 -6.72 1.85 -21.98
CA GLY B 392 -6.45 2.40 -23.32
C GLY B 392 -6.43 3.91 -23.38
N GLY B 393 -6.45 4.56 -22.21
CA GLY B 393 -6.40 6.01 -22.12
C GLY B 393 -7.75 6.69 -22.07
N ARG B 394 -8.82 5.90 -21.98
CA ARG B 394 -10.19 6.43 -22.00
C ARG B 394 -10.50 7.45 -20.91
N SER B 395 -10.18 7.12 -19.67
CA SER B 395 -10.37 8.04 -18.55
C SER B 395 -9.62 9.34 -18.81
N PHE B 396 -8.36 9.19 -19.22
CA PHE B 396 -7.49 10.32 -19.53
C PHE B 396 -8.07 11.20 -20.65
N LEU B 397 -8.57 10.57 -21.72
CA LEU B 397 -9.13 11.29 -22.87
C LEU B 397 -10.37 12.13 -22.54
N GLN B 398 -11.16 11.70 -21.56
CA GLN B 398 -12.35 12.44 -21.14
C GLN B 398 -12.06 13.88 -20.69
N ASN B 399 -10.84 14.11 -20.20
CA ASN B 399 -10.39 15.44 -19.78
C ASN B 399 -10.17 16.41 -20.93
N PHE B 400 -9.97 15.87 -22.13
CA PHE B 400 -9.58 16.66 -23.29
C PHE B 400 -10.75 17.05 -24.22
N LYS B 401 -11.95 16.56 -23.94
CA LYS B 401 -13.13 16.87 -24.75
C LYS B 401 -13.28 18.38 -24.89
N GLY B 402 -13.29 18.86 -26.13
CA GLY B 402 -13.46 20.29 -26.43
C GLY B 402 -12.25 21.18 -26.16
N ASP B 403 -11.10 20.56 -25.85
CA ASP B 403 -9.92 21.31 -25.46
C ASP B 403 -8.83 21.27 -26.54
N PHE B 404 -7.98 22.30 -26.53
CA PHE B 404 -6.74 22.29 -27.32
C PHE B 404 -5.82 21.19 -26.80
N VAL B 405 -5.05 20.58 -27.70
CA VAL B 405 -3.99 19.67 -27.29
C VAL B 405 -2.67 20.43 -27.46
N ASP B 406 -2.00 20.65 -26.34
CA ASP B 406 -0.69 21.32 -26.35
C ASP B 406 0.33 20.53 -27.18
N PRO B 407 1.07 21.23 -28.06
CA PRO B 407 2.12 20.63 -28.88
C PRO B 407 3.12 19.76 -28.10
N CYS B 408 3.41 20.13 -26.85
CA CYS B 408 4.43 19.44 -26.05
C CYS B 408 4.08 17.99 -25.71
N LEU B 409 2.80 17.65 -25.87
CA LEU B 409 2.31 16.27 -25.69
C LEU B 409 2.54 15.41 -26.94
N GLY B 410 2.97 16.05 -28.02
CA GLY B 410 3.23 15.35 -29.27
C GLY B 410 2.02 14.63 -29.83
N ASP B 411 2.17 13.33 -30.07
CA ASP B 411 1.12 12.52 -30.68
C ASP B 411 0.37 11.63 -29.69
N LEU B 412 0.55 11.88 -28.39
CA LEU B 412 -0.07 11.06 -27.34
C LEU B 412 -1.59 10.92 -27.51
N ILE B 413 -2.29 12.05 -27.59
CA ILE B 413 -3.75 12.07 -27.61
C ILE B 413 -4.28 11.43 -28.91
N LEU B 414 -3.66 11.78 -30.03
CA LEU B 414 -3.98 11.19 -31.33
C LEU B 414 -3.86 9.67 -31.29
N ILE B 415 -2.79 9.18 -30.67
CA ILE B 415 -2.55 7.74 -30.55
C ILE B 415 -3.57 7.05 -29.63
N LEU B 416 -3.87 7.67 -28.50
CA LEU B 416 -4.81 7.08 -27.54
C LEU B 416 -6.24 7.01 -28.06
N ARG B 417 -6.61 7.99 -28.91
CA ARG B 417 -7.93 8.03 -29.53
C ARG B 417 -8.16 6.88 -30.53
N LEU B 418 -7.09 6.33 -31.08
CA LEU B 418 -7.19 5.22 -32.03
C LEU B 418 -7.93 4.01 -31.45
N PRO B 419 -8.78 3.36 -32.28
CA PRO B 419 -9.50 2.15 -31.85
C PRO B 419 -8.54 1.02 -31.49
N SER B 420 -8.95 0.17 -30.55
CA SER B 420 -8.06 -0.90 -30.05
C SER B 420 -7.60 -1.87 -31.15
N TRP B 421 -8.51 -2.26 -32.05
CA TRP B 421 -8.13 -3.13 -33.16
C TRP B 421 -7.03 -2.49 -34.03
N PHE B 422 -7.10 -1.18 -34.23
CA PHE B 422 -6.15 -0.45 -35.07
C PHE B 422 -4.79 -0.27 -34.40
N LYS B 423 -4.81 -0.07 -33.08
CA LYS B 423 -3.59 -0.06 -32.28
C LYS B 423 -2.87 -1.42 -32.40
N ARG B 424 -3.65 -2.50 -32.26
CA ARG B 424 -3.12 -3.86 -32.42
C ARG B 424 -2.57 -4.07 -33.83
N LEU B 425 -3.33 -3.63 -34.83
CA LEU B 425 -2.95 -3.75 -36.24
C LEU B 425 -1.64 -3.03 -36.54
N LEU B 426 -1.55 -1.77 -36.13
CA LEU B 426 -0.31 -0.98 -36.29
C LEU B 426 0.88 -1.61 -35.58
N SER B 427 0.63 -2.15 -34.38
CA SER B 427 1.65 -2.82 -33.57
C SER B 427 2.25 -4.02 -34.30
N LEU B 428 1.38 -4.82 -34.92
CA LEU B 428 1.80 -5.97 -35.74
C LEU B 428 2.70 -5.57 -36.92
N LEU B 429 2.37 -4.44 -37.55
CA LEU B 429 3.12 -3.93 -38.70
C LEU B 429 4.45 -3.28 -38.31
N LEU B 430 4.44 -2.55 -37.20
CA LEU B 430 5.64 -1.89 -36.68
C LEU B 430 6.65 -2.86 -36.06
N LYS B 431 6.20 -4.01 -35.57
CA LYS B 431 7.05 -4.90 -34.76
C LYS B 431 8.36 -5.35 -35.44
N PRO B 432 8.30 -5.87 -36.68
CA PRO B 432 9.57 -6.27 -37.33
C PRO B 432 10.58 -5.14 -37.47
N LEU B 433 10.11 -3.93 -37.80
CA LEU B 433 10.99 -2.77 -38.01
C LEU B 433 11.31 -1.98 -36.74
N PHE B 434 10.28 -1.54 -36.02
CA PHE B 434 10.44 -0.69 -34.84
C PHE B 434 9.78 -1.28 -33.58
N PRO B 435 10.42 -2.30 -32.97
CA PRO B 435 9.83 -3.02 -31.84
C PRO B 435 9.49 -2.18 -30.61
N ARG B 436 10.20 -1.08 -30.37
CA ARG B 436 9.93 -0.23 -29.20
C ARG B 436 8.57 0.44 -29.30
N LEU B 437 8.32 1.06 -30.46
CA LEU B 437 7.05 1.72 -30.76
C LEU B 437 5.89 0.72 -30.76
N ALA B 438 6.13 -0.45 -31.34
CA ALA B 438 5.10 -1.50 -31.44
C ALA B 438 4.67 -2.01 -30.06
N ALA B 439 5.65 -2.25 -29.19
CA ALA B 439 5.37 -2.73 -27.83
C ALA B 439 4.58 -1.72 -27.00
N PHE B 440 4.97 -0.45 -27.06
CA PHE B 440 4.26 0.61 -26.37
C PHE B 440 2.81 0.74 -26.86
N LEU B 441 2.63 0.70 -28.19
CA LEU B 441 1.32 0.87 -28.81
C LEU B 441 0.35 -0.22 -28.40
N ASN B 442 0.82 -1.46 -28.41
CA ASN B 442 0.04 -2.60 -27.98
C ASN B 442 -0.34 -2.49 -26.49
N SER B 443 0.60 -2.02 -25.68
CA SER B 443 0.39 -1.87 -24.23
C SER B 443 -0.50 -0.70 -23.87
N MET B 444 -0.82 0.15 -24.85
CA MET B 444 -1.69 1.30 -24.63
C MET B 444 -3.14 1.01 -25.09
N ARG B 445 -3.49 -0.27 -25.15
CA ARG B 445 -4.85 -0.72 -25.50
C ARG B 445 -5.66 -1.01 -24.24
N PRO B 446 -7.00 -0.86 -24.31
CA PRO B 446 -7.86 -1.19 -23.16
C PRO B 446 -7.88 -2.69 -22.87
N ARG B 447 -8.09 -3.06 -21.61
CA ARG B 447 -8.25 -4.48 -21.26
C ARG B 447 -9.31 -4.69 -20.18
N SER B 448 -9.53 -5.96 -19.83
CA SER B 448 -10.51 -6.31 -18.80
C SER B 448 -9.94 -6.13 -17.40
N ALA B 449 -10.82 -6.19 -16.40
CA ALA B 449 -10.41 -6.27 -15.00
C ALA B 449 -9.53 -7.48 -14.77
N GLU B 450 -9.92 -8.61 -15.38
CA GLU B 450 -9.17 -9.86 -15.31
C GLU B 450 -7.72 -9.67 -15.77
N LYS B 451 -7.53 -8.98 -16.89
CA LYS B 451 -6.20 -8.71 -17.42
C LYS B 451 -5.42 -7.70 -16.58
N LEU B 452 -6.13 -6.78 -15.93
CA LEU B 452 -5.49 -5.85 -15.00
C LEU B 452 -4.93 -6.59 -13.78
N TRP B 453 -5.73 -7.51 -13.22
CA TRP B 453 -5.25 -8.36 -12.12
C TRP B 453 -3.97 -9.09 -12.50
N LYS B 454 -3.94 -9.64 -13.72
CA LYS B 454 -2.78 -10.35 -14.24
C LYS B 454 -1.55 -9.44 -14.31
N LEU B 455 -1.76 -8.21 -14.82
CA LEU B 455 -0.71 -7.20 -14.89
C LEU B 455 -0.20 -6.79 -13.49
N GLN B 456 -1.13 -6.52 -12.58
CA GLN B 456 -0.78 -6.16 -11.20
CA GLN B 456 -0.78 -6.15 -11.21
C GLN B 456 0.01 -7.27 -10.51
N HIS B 457 -0.36 -8.52 -10.79
CA HIS B 457 0.37 -9.67 -10.27
C HIS B 457 1.79 -9.74 -10.86
N GLU B 458 1.91 -9.54 -12.16
CA GLU B 458 3.22 -9.48 -12.82
C GLU B 458 4.11 -8.35 -12.29
N ILE B 459 3.49 -7.23 -11.92
CA ILE B 459 4.22 -6.10 -11.31
C ILE B 459 4.76 -6.49 -9.91
N GLU B 460 3.96 -7.21 -9.13
CA GLU B 460 4.38 -7.77 -7.83
C GLU B 460 5.51 -8.78 -7.96
N MET B 461 5.41 -9.68 -8.94
CA MET B 461 6.45 -10.67 -9.19
CA MET B 461 6.46 -10.68 -9.20
C MET B 461 7.75 -9.99 -9.66
N TYR B 462 7.62 -8.95 -10.48
CA TYR B 462 8.78 -8.25 -11.00
C TYR B 462 9.52 -7.53 -9.87
N ARG B 463 8.76 -6.87 -9.01
CA ARG B 463 9.29 -6.23 -7.82
C ARG B 463 10.04 -7.24 -6.95
N GLN B 464 9.44 -8.41 -6.73
CA GLN B 464 10.09 -9.52 -6.02
C GLN B 464 11.42 -9.91 -6.67
N SER B 465 11.43 -10.02 -8.00
CA SER B 465 12.61 -10.46 -8.75
C SER B 465 13.79 -9.49 -8.61
N VAL B 466 13.51 -8.19 -8.64
CA VAL B 466 14.54 -7.16 -8.48
C VAL B 466 15.06 -7.10 -7.04
N ILE B 467 14.16 -7.23 -6.07
CA ILE B 467 14.56 -7.38 -4.66
C ILE B 467 15.50 -8.59 -4.46
N ALA B 468 15.16 -9.73 -5.06
CA ALA B 468 16.01 -10.93 -4.98
C ALA B 468 17.41 -10.70 -5.56
N GLN B 469 17.49 -10.03 -6.71
CA GLN B 469 18.76 -9.61 -7.33
C GLN B 469 19.59 -8.74 -6.41
N TRP B 470 18.92 -7.75 -5.83
CA TRP B 470 19.50 -6.78 -4.91
C TRP B 470 20.10 -7.50 -3.72
N LYS B 471 19.31 -8.39 -3.12
CA LYS B 471 19.74 -9.22 -1.99
C LYS B 471 20.92 -10.13 -2.33
N ALA B 472 20.86 -10.79 -3.49
CA ALA B 472 21.91 -11.70 -3.93
C ALA B 472 23.27 -11.01 -4.03
N MET B 473 23.26 -9.71 -4.34
CA MET B 473 24.48 -8.90 -4.37
C MET B 473 24.73 -8.15 -3.07
N ASN B 474 23.83 -8.32 -2.10
CA ASN B 474 23.91 -7.64 -0.81
C ASN B 474 24.11 -6.11 -0.93
N LEU B 475 23.35 -5.48 -1.82
CA LEU B 475 23.39 -4.02 -2.00
C LEU B 475 22.70 -3.30 -0.85
N ASP B 476 23.21 -2.11 -0.54
CA ASP B 476 22.49 -1.16 0.31
C ASP B 476 21.73 -0.19 -0.58
N VAL B 477 22.33 0.11 -1.74
CA VAL B 477 21.96 1.27 -2.51
C VAL B 477 22.27 1.05 -4.00
N LEU B 478 21.65 1.84 -4.89
CA LEU B 478 21.86 1.72 -6.34
C LEU B 478 22.07 3.08 -7.01
N LEU B 479 23.14 3.16 -7.80
CA LEU B 479 23.52 4.37 -8.54
C LEU B 479 23.24 4.15 -10.02
N THR B 480 22.50 5.09 -10.63
CA THR B 480 22.11 4.95 -12.04
C THR B 480 22.34 6.27 -12.79
N PRO B 481 22.30 6.24 -14.14
CA PRO B 481 22.32 7.52 -14.85
C PRO B 481 20.95 8.19 -14.74
N MET B 482 20.93 9.50 -14.93
CA MET B 482 19.69 10.25 -14.97
C MET B 482 19.63 11.01 -16.29
N LEU B 483 18.49 10.92 -16.97
CA LEU B 483 18.32 11.54 -18.28
C LEU B 483 18.70 13.02 -18.27
N GLY B 484 19.63 13.38 -19.15
CA GLY B 484 20.13 14.74 -19.29
C GLY B 484 21.17 14.82 -20.40
N PRO B 485 21.58 16.05 -20.77
CA PRO B 485 21.10 17.35 -20.28
C PRO B 485 19.70 17.65 -20.80
N ALA B 486 19.11 18.76 -20.34
CA ALA B 486 17.78 19.17 -20.76
C ALA B 486 17.52 19.06 -22.26
N LEU B 487 16.38 18.49 -22.61
CA LEU B 487 15.94 18.38 -23.99
C LEU B 487 15.38 19.72 -24.50
N ASP B 488 15.51 19.97 -25.80
CA ASP B 488 14.88 21.12 -26.45
C ASP B 488 13.37 21.14 -26.18
N LEU B 489 12.79 22.33 -26.11
CA LEU B 489 11.34 22.50 -25.97
C LEU B 489 10.58 21.71 -27.03
N ASN B 490 9.47 21.08 -26.62
CA ASN B 490 8.59 20.32 -27.52
C ASN B 490 9.13 18.98 -28.03
N THR B 491 10.22 18.50 -27.42
CA THR B 491 10.80 17.22 -27.82
C THR B 491 10.59 16.06 -26.84
N PRO B 492 10.47 16.34 -25.52
CA PRO B 492 10.14 15.23 -24.61
C PRO B 492 8.94 14.41 -25.06
N GLY B 493 7.88 15.09 -25.55
CA GLY B 493 6.70 14.42 -26.09
C GLY B 493 6.95 13.51 -27.28
N ARG B 494 8.13 13.60 -27.87
CA ARG B 494 8.48 12.78 -29.03
C ARG B 494 9.69 11.86 -28.77
N ALA B 495 10.15 11.82 -27.52
CA ALA B 495 11.26 10.97 -27.11
C ALA B 495 10.86 10.06 -25.93
N THR B 496 9.76 9.35 -26.09
CA THR B 496 9.13 8.58 -25.01
C THR B 496 10.04 7.55 -24.34
N GLY B 497 10.88 6.88 -25.14
CA GLY B 497 11.78 5.86 -24.61
C GLY B 497 12.68 6.35 -23.49
N ALA B 498 13.03 7.65 -23.53
CA ALA B 498 13.94 8.26 -22.56
C ALA B 498 13.42 8.30 -21.11
N ILE B 499 12.20 7.81 -20.89
CA ILE B 499 11.66 7.65 -19.53
C ILE B 499 12.19 6.38 -18.86
N SER B 500 12.92 5.57 -19.62
CA SER B 500 13.45 4.31 -19.11
C SER B 500 14.19 4.43 -17.77
N TYR B 501 14.97 5.50 -17.60
CA TYR B 501 15.76 5.69 -16.37
C TYR B 501 14.93 5.99 -15.12
N THR B 502 13.76 6.60 -15.30
CA THR B 502 12.94 7.03 -14.18
C THR B 502 11.73 6.14 -13.90
N VAL B 503 10.96 5.83 -14.95
CA VAL B 503 9.68 5.13 -14.77
C VAL B 503 9.86 3.73 -14.16
N LEU B 504 11.02 3.13 -14.36
CA LEU B 504 11.34 1.82 -13.80
C LEU B 504 11.12 1.79 -12.29
N TYR B 505 11.48 2.88 -11.63
CA TYR B 505 11.42 2.95 -10.17
C TYR B 505 10.06 3.38 -9.61
N ASN B 506 9.20 3.86 -10.50
CA ASN B 506 7.77 4.00 -10.19
C ASN B 506 7.09 2.63 -10.24
N CYS B 507 7.42 1.87 -11.29
CA CYS B 507 6.96 0.49 -11.46
C CYS B 507 7.39 -0.36 -10.26
N LEU B 508 8.67 -0.27 -9.88
CA LEU B 508 9.22 -0.96 -8.72
C LEU B 508 8.80 -0.37 -7.39
N ASP B 509 8.37 0.90 -7.40
CA ASP B 509 8.05 1.67 -6.19
C ASP B 509 9.20 1.66 -5.17
N PHE B 510 10.38 2.06 -5.65
CA PHE B 510 11.57 2.25 -4.82
C PHE B 510 11.75 3.77 -4.71
N PRO B 511 12.23 4.25 -3.55
CA PRO B 511 12.61 5.67 -3.46
C PRO B 511 13.78 5.99 -4.39
N ALA B 512 13.64 7.04 -5.18
CA ALA B 512 14.67 7.46 -6.10
C ALA B 512 14.80 8.97 -6.09
N GLY B 513 16.04 9.45 -5.96
CA GLY B 513 16.31 10.88 -5.98
C GLY B 513 17.42 11.19 -6.96
N VAL B 514 17.54 12.46 -7.32
CA VAL B 514 18.60 12.92 -8.22
C VAL B 514 19.39 14.07 -7.59
N VAL B 515 20.70 14.11 -7.87
CA VAL B 515 21.55 15.21 -7.45
C VAL B 515 22.44 15.71 -8.60
N PRO B 516 22.50 17.04 -8.81
CA PRO B 516 23.38 17.60 -9.84
C PRO B 516 24.84 17.30 -9.49
N VAL B 517 25.62 16.84 -10.45
CA VAL B 517 27.01 16.47 -10.18
C VAL B 517 28.02 17.16 -11.11
N THR B 518 27.55 17.60 -12.29
CA THR B 518 28.44 18.23 -13.26
C THR B 518 27.66 19.12 -14.22
N THR B 519 28.38 19.77 -15.15
CA THR B 519 27.75 20.49 -16.23
C THR B 519 28.30 19.99 -17.56
N VAL B 520 27.50 20.11 -18.62
CA VAL B 520 27.90 19.70 -19.95
C VAL B 520 29.07 20.54 -20.43
N THR B 521 30.19 19.89 -20.72
CA THR B 521 31.31 20.61 -21.32
C THR B 521 31.14 20.63 -22.84
N ALA B 522 31.86 21.53 -23.50
CA ALA B 522 31.88 21.57 -24.95
C ALA B 522 32.38 20.24 -25.53
N GLU B 523 33.31 19.61 -24.83
CA GLU B 523 33.76 18.26 -25.16
C GLU B 523 32.60 17.26 -25.16
N ASP B 524 31.82 17.22 -24.07
CA ASP B 524 30.63 16.36 -23.97
C ASP B 524 29.66 16.62 -25.11
N ASP B 525 29.42 17.90 -25.39
CA ASP B 525 28.39 18.33 -26.31
C ASP B 525 28.74 17.95 -27.75
N ALA B 526 30.02 18.11 -28.11
CA ALA B 526 30.51 17.74 -29.43
C ALA B 526 30.38 16.24 -29.70
N GLN B 527 30.55 15.44 -28.64
CA GLN B 527 30.45 13.98 -28.75
C GLN B 527 29.04 13.49 -29.08
N MET B 528 28.03 14.35 -28.91
CA MET B 528 26.64 14.03 -29.30
C MET B 528 26.51 13.69 -30.79
N GLU B 529 27.43 14.19 -31.60
CA GLU B 529 27.44 13.86 -33.03
C GLU B 529 27.75 12.39 -33.31
N LEU B 530 28.31 11.69 -32.33
CA LEU B 530 28.60 10.25 -32.46
C LEU B 530 27.51 9.37 -31.86
N TYR B 531 26.51 10.00 -31.24
CA TYR B 531 25.38 9.34 -30.58
C TYR B 531 24.39 8.78 -31.62
N LYS B 532 24.08 7.50 -31.52
CA LYS B 532 23.16 6.86 -32.48
C LYS B 532 21.95 6.24 -31.82
N GLY B 533 22.02 6.02 -30.51
CA GLY B 533 21.01 5.24 -29.79
C GLY B 533 21.16 3.77 -30.08
N TYR B 534 20.46 2.93 -29.31
CA TYR B 534 20.56 1.48 -29.48
C TYR B 534 19.65 0.93 -30.58
N PHE B 535 18.61 1.70 -30.91
CA PHE B 535 17.55 1.23 -31.80
C PHE B 535 17.53 1.98 -33.14
N GLY B 536 17.84 3.27 -33.11
CA GLY B 536 17.83 4.10 -34.31
C GLY B 536 16.43 4.41 -34.81
N ASP B 537 15.43 4.23 -33.93
CA ASP B 537 14.04 4.61 -34.25
C ASP B 537 13.85 6.13 -34.04
N ILE B 538 12.64 6.64 -34.28
CA ILE B 538 12.37 8.07 -34.12
C ILE B 538 12.70 8.62 -32.74
N TRP B 539 12.47 7.81 -31.70
CA TRP B 539 12.81 8.22 -30.34
C TRP B 539 14.30 8.51 -30.19
N ASP B 540 15.15 7.61 -30.69
CA ASP B 540 16.61 7.81 -30.71
C ASP B 540 17.01 9.05 -31.52
N ILE B 541 16.42 9.17 -32.72
CA ILE B 541 16.70 10.28 -33.64
C ILE B 541 16.31 11.61 -33.01
N ILE B 542 15.12 11.67 -32.42
CA ILE B 542 14.68 12.91 -31.76
C ILE B 542 15.52 13.24 -30.53
N LEU B 543 15.84 12.22 -29.72
CA LEU B 543 16.63 12.41 -28.51
C LEU B 543 18.04 12.94 -28.82
N LYS B 544 18.66 12.38 -29.86
CA LYS B 544 19.97 12.83 -30.33
C LYS B 544 19.99 14.34 -30.60
N LYS B 545 19.04 14.78 -31.40
CA LYS B 545 18.90 16.19 -31.75
C LYS B 545 18.61 17.03 -30.50
N ALA B 546 17.71 16.52 -29.66
CA ALA B 546 17.21 17.26 -28.49
C ALA B 546 18.27 17.50 -27.39
N MET B 547 19.26 16.63 -27.30
CA MET B 547 20.32 16.77 -26.30
C MET B 547 21.53 17.60 -26.76
N LYS B 548 21.55 18.00 -28.02
CA LYS B 548 22.58 18.90 -28.56
C LYS B 548 22.44 20.32 -28.01
N ASN B 549 23.41 21.19 -28.34
CA ASN B 549 23.44 22.58 -27.89
CA ASN B 549 23.41 22.58 -27.89
C ASN B 549 23.14 22.72 -26.40
N SER B 550 23.93 22.01 -25.59
CA SER B 550 23.68 21.95 -24.14
C SER B 550 24.86 22.35 -23.25
N VAL B 551 25.85 23.06 -23.82
CA VAL B 551 27.03 23.48 -23.06
C VAL B 551 26.65 24.32 -21.84
N GLY B 552 27.20 23.96 -20.68
CA GLY B 552 26.95 24.69 -19.44
C GLY B 552 25.71 24.25 -18.68
N LEU B 553 24.94 23.32 -19.25
CA LEU B 553 23.71 22.84 -18.61
C LEU B 553 24.00 21.77 -17.54
N PRO B 554 23.20 21.75 -16.47
CA PRO B 554 23.43 20.81 -15.38
C PRO B 554 23.15 19.36 -15.77
N VAL B 555 23.90 18.43 -15.17
CA VAL B 555 23.76 17.00 -15.43
C VAL B 555 23.76 16.27 -14.09
N ALA B 556 22.83 15.33 -13.95
CA ALA B 556 22.60 14.66 -12.68
C ALA B 556 22.85 13.16 -12.74
N VAL B 557 22.78 12.56 -11.56
CA VAL B 557 22.93 11.13 -11.36
C VAL B 557 21.73 10.72 -10.50
N GLN B 558 21.33 9.44 -10.56
CA GLN B 558 20.17 8.96 -9.79
C GLN B 558 20.54 7.99 -8.67
N CYS B 559 19.92 8.19 -7.50
CA CYS B 559 20.19 7.39 -6.31
C CYS B 559 18.92 6.65 -5.89
N VAL B 560 19.03 5.35 -5.69
CA VAL B 560 17.88 4.46 -5.45
C VAL B 560 18.11 3.61 -4.19
N ALA B 561 17.04 3.39 -3.42
CA ALA B 561 17.09 2.47 -2.28
C ALA B 561 15.83 1.59 -2.30
N LEU B 562 15.74 0.63 -1.38
CA LEU B 562 14.57 -0.27 -1.33
C LEU B 562 13.35 0.48 -0.79
N PRO B 563 12.12 -0.06 -1.04
CA PRO B 563 10.91 0.59 -0.52
C PRO B 563 11.01 0.97 0.95
N TRP B 564 10.48 2.15 1.29
CA TRP B 564 10.48 2.71 2.66
C TRP B 564 11.85 3.17 3.18
N GLN B 565 12.87 3.14 2.32
CA GLN B 565 14.22 3.54 2.73
C GLN B 565 14.60 4.93 2.19
N GLU B 566 13.71 5.89 2.38
CA GLU B 566 13.96 7.28 1.97
C GLU B 566 15.19 7.83 2.65
N GLU B 567 15.35 7.53 3.94
CA GLU B 567 16.47 8.04 4.73
C GLU B 567 17.81 7.54 4.18
N LEU B 568 17.86 6.26 3.81
CA LEU B 568 19.05 5.68 3.20
C LEU B 568 19.30 6.23 1.79
N CYS B 569 18.24 6.46 1.03
CA CYS B 569 18.36 7.09 -0.29
C CYS B 569 18.96 8.50 -0.16
N LEU B 570 18.49 9.27 0.83
CA LEU B 570 19.03 10.60 1.12
C LEU B 570 20.46 10.54 1.67
N ARG B 571 20.76 9.52 2.46
CA ARG B 571 22.12 9.31 2.98
C ARG B 571 23.11 9.19 1.81
N PHE B 572 22.69 8.44 0.79
CA PHE B 572 23.51 8.21 -0.40
C PHE B 572 23.55 9.45 -1.31
N MET B 573 22.43 10.16 -1.41
CA MET B 573 22.38 11.44 -2.11
C MET B 573 23.34 12.45 -1.47
N ARG B 574 23.33 12.49 -0.14
CA ARG B 574 24.23 13.34 0.63
C ARG B 574 25.69 13.05 0.31
N GLU B 575 26.01 11.76 0.16
CA GLU B 575 27.37 11.31 -0.15
C GLU B 575 27.79 11.74 -1.53
N VAL B 576 26.89 11.57 -2.50
CA VAL B 576 27.13 11.98 -3.88
C VAL B 576 27.37 13.50 -3.94
N GLU B 577 26.46 14.24 -3.30
CA GLU B 577 26.58 15.70 -3.23
C GLU B 577 27.94 16.15 -2.66
N GLN B 578 28.31 15.60 -1.50
CA GLN B 578 29.55 15.97 -0.83
C GLN B 578 30.79 15.68 -1.69
N LEU B 579 30.79 14.55 -2.38
CA LEU B 579 31.95 14.13 -3.16
C LEU B 579 32.10 14.89 -4.48
N MET B 580 30.98 15.11 -5.18
CA MET B 580 31.00 15.72 -6.50
C MET B 580 30.94 17.25 -6.47
N THR B 581 30.28 17.79 -5.45
CA THR B 581 30.10 19.23 -5.29
C THR B 581 30.27 19.63 -3.81
N PRO B 582 31.50 19.53 -3.27
CA PRO B 582 31.73 19.76 -1.83
C PRO B 582 31.30 21.14 -1.30
N GLN B 583 31.28 22.17 -2.16
CA GLN B 583 30.83 23.52 -1.78
C GLN B 583 29.37 23.57 -1.31
N LYS B 584 28.58 22.57 -1.71
CA LYS B 584 27.19 22.46 -1.30
C LYS B 584 27.04 22.16 0.20
N GLN B 585 28.10 21.65 0.82
CA GLN B 585 28.10 21.34 2.25
C GLN B 585 29.26 22.02 2.96
#